data_1YHM
#
_entry.id   1YHM
#
_cell.length_a   103.205
_cell.length_b   103.205
_cell.length_c   385.236
_cell.angle_alpha   90.00
_cell.angle_beta   90.00
_cell.angle_gamma   120.00
#
_symmetry.space_group_name_H-M   'P 61 2 2'
#
loop_
_entity.id
_entity.type
_entity.pdbx_description
1 polymer 'farnesyl pyrophosphate synthase'
2 non-polymer 'MAGNESIUM ION'
3 non-polymer 'SULFATE ION'
4 non-polymer 4-AMINO-1-HYDROXYBUTANE-1,1-DIYLDIPHOSPHONATE
5 non-polymer '3-METHYLBUT-3-ENYL TRIHYDROGEN DIPHOSPHATE'
6 water water
#
_entity_poly.entity_id   1
_entity_poly.type   'polypeptide(L)'
_entity_poly.pdbx_seq_one_letter_code
;(MSE)AS(MSE)ERFLSVYDEVQAFLLDQLQSKYEIDPNRARYLRI(MSE)(MSE)DTTCLGGKYFRG(MSE)TVVNVAE
GFLAVTQHDEATKERILHDACVGGW(MSE)IEFLQAHYLVEDDI(MSE)DGSV(MSE)RRGKPCWYRFPGVTTQCAINDG
IILKSWTQI(MSE)AWHYFADRPFLKDLLCLFQKVDYATAVGQ(MSE)YDVTS(MSE)CDSNKLDPEVAQP(MSE)TTDF
AEFTPAIYKRIVKYKTTFYTYLLPLV(MSE)GLFVSEAAASVE(MSE)NLVERVAHLIGEYFQVQDDV(MSE)DCFTPPE
QLGKVGTDIEDAKCSWLAVTFLGKANAAQVAEFKANYGDKDPAKVAVVKRLYSEANLQADFAAYEAEVVREVESLIEQLK
VKSPTFAESVAVVWEKTHKRKK
;
_entity_poly.pdbx_strand_id   A,B,C
#
loop_
_chem_comp.id
_chem_comp.type
_chem_comp.name
_chem_comp.formula
AHD non-polymer 4-AMINO-1-HYDROXYBUTANE-1,1-DIYLDIPHOSPHONATE 'C4 H9 N O7 P2 -4'
IPE non-polymer '3-METHYLBUT-3-ENYL TRIHYDROGEN DIPHOSPHATE' 'C5 H12 O7 P2'
MG non-polymer 'MAGNESIUM ION' 'Mg 2'
SO4 non-polymer 'SULFATE ION' 'O4 S -2'
#
# COMPACT_ATOMS: atom_id res chain seq x y z
N MSE A 1 5.12 -21.19 1.34
CA MSE A 1 5.50 -22.60 1.05
C MSE A 1 5.87 -22.82 -0.43
O MSE A 1 5.43 -23.81 -1.03
CB MSE A 1 4.36 -23.53 1.48
CG MSE A 1 4.76 -25.00 1.76
SE MSE A 1 5.66 -25.42 3.53
CE MSE A 1 4.34 -24.45 4.85
N ALA A 2 6.68 -21.92 -1.01
CA ALA A 2 6.79 -21.72 -2.47
C ALA A 2 5.50 -21.07 -2.94
N SER A 3 4.50 -21.30 -2.10
CA SER A 3 3.18 -20.79 -2.23
C SER A 3 3.19 -19.30 -1.80
N MSE A 4 3.74 -19.01 -0.62
CA MSE A 4 3.92 -17.63 -0.21
C MSE A 4 4.69 -16.83 -1.26
O MSE A 4 4.41 -15.65 -1.47
CB MSE A 4 4.60 -17.56 1.16
CG MSE A 4 4.92 -16.15 1.67
SE MSE A 4 3.34 -14.95 1.93
CE MSE A 4 2.76 -15.52 3.77
N GLU A 5 5.65 -17.45 -1.93
CA GLU A 5 6.49 -16.71 -2.89
C GLU A 5 5.74 -16.37 -4.17
N ARG A 6 4.86 -17.26 -4.60
CA ARG A 6 4.01 -16.99 -5.78
C ARG A 6 3.08 -15.80 -5.50
N PHE A 7 2.42 -15.86 -4.33
CA PHE A 7 1.53 -14.83 -3.84
C PHE A 7 2.16 -13.47 -3.83
N LEU A 8 3.39 -13.37 -3.35
CA LEU A 8 4.01 -12.07 -3.18
C LEU A 8 4.44 -11.49 -4.51
N SER A 9 4.96 -12.33 -5.37
CA SER A 9 5.42 -11.80 -6.63
C SER A 9 4.24 -11.39 -7.50
N VAL A 10 3.09 -12.04 -7.35
CA VAL A 10 1.85 -11.57 -7.99
C VAL A 10 1.46 -10.12 -7.62
N TYR A 11 1.71 -9.73 -6.37
CA TYR A 11 1.48 -8.36 -5.96
C TYR A 11 2.24 -7.42 -6.84
N ASP A 12 3.52 -7.73 -7.04
CA ASP A 12 4.38 -6.92 -7.87
C ASP A 12 3.76 -6.78 -9.26
N GLU A 13 3.15 -7.85 -9.71
CA GLU A 13 2.56 -7.87 -11.01
C GLU A 13 1.33 -6.96 -10.99
N VAL A 14 0.51 -7.10 -9.95
CA VAL A 14 -0.72 -6.29 -9.78
C VAL A 14 -0.40 -4.80 -9.61
N GLN A 15 0.55 -4.51 -8.73
CA GLN A 15 0.99 -3.10 -8.53
C GLN A 15 1.41 -2.40 -9.82
N ALA A 16 2.27 -3.08 -10.60
CA ALA A 16 2.74 -2.54 -11.89
C ALA A 16 1.59 -2.31 -12.84
N PHE A 17 0.64 -3.24 -12.86
CA PHE A 17 -0.48 -3.09 -13.78
C PHE A 17 -1.30 -1.87 -13.40
N LEU A 18 -1.61 -1.77 -12.11
CA LEU A 18 -2.40 -0.64 -11.60
C LEU A 18 -1.65 0.68 -11.80
N LEU A 19 -0.34 0.64 -11.52
CA LEU A 19 0.42 1.86 -11.66
C LEU A 19 0.62 2.27 -13.09
N ASP A 20 0.89 1.32 -13.99
CA ASP A 20 1.13 1.69 -15.37
C ASP A 20 -0.16 2.17 -16.00
N GLN A 21 -1.26 1.48 -15.66
CA GLN A 21 -2.58 1.94 -16.08
C GLN A 21 -2.90 3.37 -15.68
N LEU A 22 -2.59 3.69 -14.42
CA LEU A 22 -2.70 5.07 -13.96
C LEU A 22 -1.95 6.05 -14.85
N GLN A 23 -0.76 5.67 -15.25
CA GLN A 23 0.00 6.52 -16.14
C GLN A 23 -0.56 6.63 -17.56
N SER A 24 -1.00 5.52 -18.15
CA SER A 24 -1.39 5.57 -19.55
C SER A 24 -2.83 6.00 -19.77
N LYS A 25 -3.68 5.89 -18.76
CA LYS A 25 -5.11 6.13 -18.97
C LYS A 25 -5.62 7.25 -18.08
N TYR A 26 -4.93 7.50 -16.96
CA TYR A 26 -5.49 8.42 -15.97
C TYR A 26 -4.67 9.68 -15.83
N GLU A 27 -3.65 9.80 -16.68
CA GLU A 27 -2.84 11.01 -16.83
C GLU A 27 -2.08 11.36 -15.55
N ILE A 28 -1.81 10.38 -14.73
CA ILE A 28 -1.16 10.68 -13.49
C ILE A 28 0.32 11.17 -13.69
N ASP A 29 0.81 11.97 -12.76
CA ASP A 29 2.16 12.52 -12.77
C ASP A 29 2.95 11.66 -11.82
N PRO A 30 4.28 11.64 -11.95
CA PRO A 30 5.11 10.67 -11.21
C PRO A 30 5.02 10.77 -9.66
N ASN A 31 4.86 11.99 -9.15
CA ASN A 31 4.71 12.19 -7.71
C ASN A 31 3.46 11.53 -7.18
N ARG A 32 2.33 11.79 -7.84
CA ARG A 32 1.12 11.12 -7.45
C ARG A 32 1.19 9.59 -7.62
N ALA A 33 1.73 9.14 -8.75
CA ALA A 33 2.10 7.74 -8.87
C ALA A 33 2.89 7.29 -7.66
N ARG A 34 3.92 8.02 -7.27
CA ARG A 34 4.71 7.57 -6.12
C ARG A 34 3.88 7.60 -4.80
N TYR A 35 3.07 8.62 -4.63
CA TYR A 35 2.18 8.64 -3.47
C TYR A 35 1.28 7.39 -3.40
N LEU A 36 0.68 6.99 -4.52
CA LEU A 36 -0.18 5.80 -4.51
C LEU A 36 0.59 4.48 -4.36
N ARG A 37 1.82 4.44 -4.87
CA ARG A 37 2.65 3.23 -4.69
C ARG A 37 2.95 3.01 -3.24
N ILE A 38 3.32 4.08 -2.53
CA ILE A 38 3.56 3.97 -1.09
C ILE A 38 2.25 3.69 -0.30
N MSE A 39 1.19 4.44 -0.59
CA MSE A 39 -0.12 4.12 -0.03
C MSE A 39 -0.40 2.62 -0.26
O MSE A 39 -0.57 1.86 0.68
CB MSE A 39 -1.20 5.02 -0.63
CG MSE A 39 -2.58 4.95 0.05
SE MSE A 39 -3.69 3.46 -0.49
CE MSE A 39 -4.43 4.33 -2.09
N MSE A 40 -0.36 2.19 -1.51
CA MSE A 40 -0.59 0.77 -1.79
C MSE A 40 0.26 -0.14 -0.89
O MSE A 40 -0.29 -1.01 -0.21
CB MSE A 40 -0.35 0.44 -3.26
CG MSE A 40 -1.08 -0.77 -3.63
SE MSE A 40 -0.61 -1.47 -5.34
CE MSE A 40 -1.16 -0.08 -6.43
N ASP A 41 1.56 0.08 -0.84
CA ASP A 41 2.42 -0.80 -0.02
C ASP A 41 2.12 -0.71 1.45
N THR A 42 1.86 0.51 1.91
CA THR A 42 1.73 0.73 3.34
C THR A 42 0.47 0.06 3.86
N THR A 43 -0.62 0.11 3.10
CA THR A 43 -1.89 -0.35 3.62
C THR A 43 -2.21 -1.77 3.20
N CYS A 44 -1.37 -2.36 2.32
CA CYS A 44 -1.59 -3.71 1.81
C CYS A 44 -0.53 -4.74 2.27
N LEU A 45 0.71 -4.29 2.51
CA LEU A 45 1.72 -5.27 2.96
C LEU A 45 1.90 -5.18 4.47
N GLY A 46 2.74 -6.03 5.05
CA GLY A 46 3.06 -5.88 6.47
C GLY A 46 2.02 -6.56 7.36
N GLY A 47 0.93 -7.04 6.76
CA GLY A 47 -0.06 -7.88 7.46
C GLY A 47 0.34 -9.34 7.60
N LYS A 48 -0.51 -10.12 8.26
CA LYS A 48 -0.21 -11.54 8.35
C LYS A 48 -0.60 -12.35 7.07
N TYR A 49 -1.36 -11.70 6.19
CA TYR A 49 -1.83 -12.30 4.94
C TYR A 49 -2.66 -13.57 5.04
N PHE A 50 -3.34 -13.81 6.17
CA PHE A 50 -4.21 -15.01 6.36
C PHE A 50 -5.31 -15.07 5.26
N ARG A 51 -5.97 -13.95 5.03
CA ARG A 51 -7.04 -13.90 4.02
C ARG A 51 -6.58 -14.33 2.63
N GLY A 52 -5.57 -13.65 2.10
CA GLY A 52 -5.08 -13.96 0.76
C GLY A 52 -4.58 -15.40 0.69
N MSE A 53 -3.84 -15.78 1.72
CA MSE A 53 -3.16 -17.06 1.69
C MSE A 53 -4.15 -18.19 1.82
O MSE A 53 -3.89 -19.26 1.29
CB MSE A 53 -2.03 -17.10 2.74
CG MSE A 53 -0.77 -16.36 2.30
SE MSE A 53 -0.03 -17.09 0.62
CE MSE A 53 0.43 -18.89 1.37
N THR A 54 -5.27 -17.96 2.49
CA THR A 54 -6.36 -18.94 2.57
C THR A 54 -6.85 -19.30 1.19
N VAL A 55 -6.99 -18.31 0.31
CA VAL A 55 -7.52 -18.59 -1.04
C VAL A 55 -6.48 -19.33 -1.87
N VAL A 56 -5.22 -19.03 -1.62
CA VAL A 56 -4.13 -19.84 -2.19
C VAL A 56 -4.12 -21.29 -1.67
N ASN A 57 -4.13 -21.46 -0.36
CA ASN A 57 -4.15 -22.77 0.23
C ASN A 57 -5.40 -23.58 -0.18
N VAL A 58 -6.55 -22.92 -0.34
CA VAL A 58 -7.74 -23.68 -0.71
C VAL A 58 -7.56 -24.24 -2.11
N ALA A 59 -7.06 -23.41 -3.02
CA ALA A 59 -6.89 -23.78 -4.42
C ALA A 59 -5.82 -24.84 -4.51
N GLU A 60 -4.79 -24.72 -3.67
CA GLU A 60 -3.69 -25.67 -3.67
C GLU A 60 -4.17 -27.03 -3.23
N GLY A 61 -5.21 -27.03 -2.44
CA GLY A 61 -5.82 -28.26 -1.94
C GLY A 61 -6.36 -29.10 -3.09
N PHE A 62 -6.96 -28.45 -4.08
CA PHE A 62 -7.56 -29.17 -5.18
C PHE A 62 -6.55 -29.52 -6.23
N LEU A 63 -5.58 -28.66 -6.43
CA LEU A 63 -4.50 -29.03 -7.31
C LEU A 63 -3.90 -30.35 -6.85
N ALA A 64 -3.63 -30.44 -5.54
CA ALA A 64 -3.08 -31.65 -4.92
C ALA A 64 -3.84 -32.94 -5.27
N VAL A 65 -5.17 -32.92 -5.24
CA VAL A 65 -5.95 -34.17 -5.40
C VAL A 65 -6.79 -34.31 -6.70
N THR A 66 -6.80 -33.28 -7.53
CA THR A 66 -7.23 -33.41 -8.93
C THR A 66 -5.92 -33.57 -9.67
N GLN A 67 -5.96 -33.67 -11.00
CA GLN A 67 -4.72 -33.56 -11.79
C GLN A 67 -5.03 -32.69 -13.01
N HIS A 68 -4.09 -31.82 -13.37
CA HIS A 68 -4.30 -30.84 -14.43
C HIS A 68 -3.03 -30.73 -15.24
N ASP A 69 -3.12 -30.16 -16.44
CA ASP A 69 -1.92 -29.83 -17.18
C ASP A 69 -1.25 -28.67 -16.45
N GLU A 70 0.06 -28.52 -16.60
CA GLU A 70 0.76 -27.51 -15.81
C GLU A 70 0.26 -26.10 -16.20
N ALA A 71 -0.23 -25.97 -17.42
CA ALA A 71 -0.80 -24.72 -17.89
C ALA A 71 -1.97 -24.30 -17.00
N THR A 72 -3.01 -25.12 -16.99
CA THR A 72 -4.17 -24.97 -16.12
C THR A 72 -3.76 -24.86 -14.65
N LYS A 73 -2.87 -25.73 -14.17
CA LYS A 73 -2.39 -25.65 -12.78
C LYS A 73 -1.91 -24.25 -12.44
N GLU A 74 -1.18 -23.61 -13.37
CA GLU A 74 -0.69 -22.27 -13.14
C GLU A 74 -1.67 -21.13 -13.39
N ARG A 75 -2.66 -21.35 -14.26
CA ARG A 75 -3.78 -20.43 -14.38
C ARG A 75 -4.64 -20.35 -13.10
N ILE A 76 -4.73 -21.45 -12.37
CA ILE A 76 -5.55 -21.48 -11.16
C ILE A 76 -4.77 -20.87 -10.00
N LEU A 77 -3.51 -21.27 -9.90
CA LEU A 77 -2.64 -20.73 -8.89
C LEU A 77 -2.53 -19.22 -9.06
N HIS A 78 -2.40 -18.75 -10.29
CA HIS A 78 -2.36 -17.32 -10.53
C HIS A 78 -3.70 -16.70 -10.16
N ASP A 79 -4.82 -17.28 -10.62
CA ASP A 79 -6.14 -16.75 -10.24
C ASP A 79 -6.34 -16.62 -8.73
N ALA A 80 -5.81 -17.60 -8.00
CA ALA A 80 -5.98 -17.62 -6.57
C ALA A 80 -5.14 -16.51 -5.94
N CYS A 81 -4.00 -16.18 -6.54
CA CYS A 81 -3.22 -15.11 -5.98
C CYS A 81 -4.00 -13.80 -6.18
N VAL A 82 -4.56 -13.62 -7.37
CA VAL A 82 -5.21 -12.36 -7.64
C VAL A 82 -6.43 -12.24 -6.72
N GLY A 83 -7.20 -13.33 -6.66
CA GLY A 83 -8.33 -13.38 -5.75
C GLY A 83 -7.88 -12.98 -4.38
N GLY A 84 -6.81 -13.63 -3.91
CA GLY A 84 -6.28 -13.36 -2.59
C GLY A 84 -5.94 -11.88 -2.41
N TRP A 85 -5.33 -11.26 -3.42
CA TRP A 85 -4.99 -9.85 -3.35
C TRP A 85 -6.25 -8.99 -3.29
N MSE A 86 -7.32 -9.39 -3.99
CA MSE A 86 -8.55 -8.59 -3.98
C MSE A 86 -9.00 -8.57 -2.55
O MSE A 86 -9.47 -7.57 -2.06
CB MSE A 86 -9.69 -9.18 -4.79
CG MSE A 86 -9.38 -10.00 -5.96
SE MSE A 86 -10.89 -10.05 -7.28
CE MSE A 86 -12.30 -9.02 -6.53
N ILE A 87 -8.86 -9.69 -1.87
CA ILE A 87 -9.31 -9.75 -0.48
C ILE A 87 -8.41 -8.85 0.37
N GLU A 88 -7.10 -8.99 0.23
CA GLU A 88 -6.15 -8.16 1.03
C GLU A 88 -6.38 -6.69 0.82
N PHE A 89 -6.61 -6.33 -0.44
CA PHE A 89 -6.89 -4.96 -0.77
C PHE A 89 -8.21 -4.52 -0.14
N LEU A 90 -9.12 -5.47 0.05
CA LEU A 90 -10.38 -5.11 0.68
C LEU A 90 -10.20 -4.89 2.21
N GLN A 91 -9.37 -5.70 2.84
CA GLN A 91 -8.96 -5.41 4.21
C GLN A 91 -8.34 -4.05 4.27
N ALA A 92 -7.37 -3.81 3.39
CA ALA A 92 -6.71 -2.52 3.38
C ALA A 92 -7.73 -1.37 3.41
N HIS A 93 -8.80 -1.48 2.60
CA HIS A 93 -9.82 -0.44 2.51
C HIS A 93 -10.47 -0.29 3.87
N TYR A 94 -10.89 -1.44 4.43
CA TYR A 94 -11.47 -1.44 5.76
C TYR A 94 -10.53 -0.82 6.86
N LEU A 95 -9.23 -1.11 6.83
CA LEU A 95 -8.34 -0.74 7.94
C LEU A 95 -8.06 0.75 7.92
N VAL A 96 -7.96 1.28 6.71
CA VAL A 96 -7.63 2.67 6.56
C VAL A 96 -8.83 3.43 7.13
N GLU A 97 -10.03 3.13 6.64
CA GLU A 97 -11.21 3.88 7.14
C GLU A 97 -11.45 3.52 8.60
N ASP A 98 -11.32 2.25 8.96
CA ASP A 98 -11.51 1.85 10.37
C ASP A 98 -10.53 2.56 11.38
N ASP A 99 -9.33 2.92 10.91
CA ASP A 99 -8.36 3.62 11.76
C ASP A 99 -8.78 5.04 12.03
N ILE A 100 -9.26 5.72 10.98
CA ILE A 100 -9.83 7.05 11.13
C ILE A 100 -11.01 6.98 12.07
N MSE A 101 -11.96 6.09 11.76
CA MSE A 101 -13.16 5.92 12.63
C MSE A 101 -12.85 5.60 14.09
O MSE A 101 -13.49 6.15 14.98
CB MSE A 101 -14.10 4.87 12.06
CG MSE A 101 -14.52 5.18 10.64
SE MSE A 101 -15.86 3.93 10.02
CE MSE A 101 -14.86 2.55 9.49
N ASP A 102 -11.89 4.73 14.35
CA ASP A 102 -11.59 4.39 15.72
C ASP A 102 -10.67 5.43 16.40
N GLY A 103 -10.20 6.42 15.64
CA GLY A 103 -9.11 7.29 16.07
C GLY A 103 -7.86 6.54 16.55
N SER A 104 -7.48 5.43 15.94
CA SER A 104 -6.29 4.66 16.32
C SER A 104 -5.02 5.37 15.85
N VAL A 105 -3.86 4.94 16.36
CA VAL A 105 -2.55 5.54 16.00
C VAL A 105 -1.56 4.62 15.23
N MSE A 106 -1.63 3.32 15.48
CA MSE A 106 -0.65 2.46 14.87
C MSE A 106 -1.28 1.26 14.15
O MSE A 106 -2.14 0.63 14.68
CB MSE A 106 0.37 2.02 15.94
CG MSE A 106 1.22 0.82 15.58
SE MSE A 106 2.44 0.23 16.98
CE MSE A 106 1.73 -1.26 17.67
N ARG A 107 -0.80 0.96 12.95
CA ARG A 107 -1.13 -0.25 12.16
C ARG A 107 0.14 -0.99 11.76
N ARG A 108 0.10 -2.32 11.95
CA ARG A 108 1.23 -3.21 11.71
C ARG A 108 2.60 -2.55 11.95
N GLY A 109 2.78 -2.09 13.19
CA GLY A 109 3.95 -1.41 13.67
C GLY A 109 4.31 -0.05 13.11
N LYS A 110 3.42 0.58 12.36
CA LYS A 110 3.72 1.89 11.75
C LYS A 110 2.57 2.86 12.00
N PRO A 111 2.77 4.15 11.80
CA PRO A 111 1.60 4.99 12.05
C PRO A 111 0.38 4.66 11.15
N CYS A 112 -0.84 4.88 11.64
CA CYS A 112 -2.01 4.63 10.82
C CYS A 112 -1.91 5.48 9.55
N TRP A 113 -2.49 5.00 8.46
CA TRP A 113 -2.30 5.68 7.23
C TRP A 113 -2.63 7.13 7.36
N TYR A 114 -3.76 7.46 7.99
CA TYR A 114 -4.21 8.86 8.06
C TYR A 114 -3.30 9.74 8.93
N ARG A 115 -2.42 9.09 9.69
CA ARG A 115 -1.50 9.75 10.57
C ARG A 115 -0.10 9.84 9.96
N PHE A 116 0.15 9.18 8.85
CA PHE A 116 1.45 9.32 8.21
C PHE A 116 1.83 10.79 8.09
N PRO A 117 3.13 11.11 8.24
CA PRO A 117 3.52 12.54 8.33
C PRO A 117 2.86 13.46 7.27
N GLY A 118 2.96 13.12 5.99
CA GLY A 118 2.34 13.94 4.96
C GLY A 118 1.01 13.48 4.34
N VAL A 119 0.19 12.73 5.09
CA VAL A 119 -1.14 12.34 4.65
C VAL A 119 -2.16 13.05 5.50
N THR A 120 -3.15 13.60 4.83
CA THR A 120 -4.23 14.32 5.49
C THR A 120 -5.38 13.32 5.71
N THR A 121 -6.15 13.48 6.78
CA THR A 121 -7.30 12.58 7.01
C THR A 121 -8.21 12.62 5.78
N GLN A 122 -8.40 13.84 5.29
CA GLN A 122 -9.26 14.11 4.16
C GLN A 122 -8.89 13.27 2.90
N CYS A 123 -7.62 12.92 2.77
CA CYS A 123 -7.12 12.32 1.53
C CYS A 123 -7.01 10.83 1.82
N ALA A 124 -6.60 10.51 3.04
CA ALA A 124 -6.67 9.15 3.57
C ALA A 124 -8.04 8.48 3.32
N ILE A 125 -9.11 9.22 3.55
CA ILE A 125 -10.44 8.70 3.36
C ILE A 125 -10.56 8.21 1.90
N ASN A 126 -10.07 9.05 0.99
CA ASN A 126 -10.18 8.79 -0.41
C ASN A 126 -9.23 7.74 -0.86
N ASP A 127 -8.08 7.64 -0.22
CA ASP A 127 -7.20 6.51 -0.46
C ASP A 127 -7.93 5.24 -0.11
N GLY A 128 -8.55 5.22 1.07
CA GLY A 128 -9.24 4.06 1.57
C GLY A 128 -10.21 3.64 0.48
N ILE A 129 -10.85 4.60 -0.16
CA ILE A 129 -11.82 4.25 -1.17
C ILE A 129 -11.16 3.74 -2.45
N ILE A 130 -10.04 4.35 -2.85
CA ILE A 130 -9.30 3.88 -4.03
C ILE A 130 -8.95 2.39 -3.88
N LEU A 131 -8.63 2.00 -2.66
CA LEU A 131 -8.37 0.60 -2.37
C LEU A 131 -9.53 -0.33 -2.74
N LYS A 132 -10.77 0.03 -2.37
CA LYS A 132 -11.93 -0.84 -2.67
C LYS A 132 -12.01 -0.90 -4.17
N SER A 133 -11.92 0.28 -4.72
CA SER A 133 -12.11 0.47 -6.11
C SER A 133 -10.98 -0.31 -6.91
N TRP A 134 -9.74 -0.35 -6.40
CA TRP A 134 -8.72 -1.27 -6.99
C TRP A 134 -9.13 -2.71 -7.11
N THR A 135 -9.83 -3.23 -6.12
CA THR A 135 -10.27 -4.62 -6.14
C THR A 135 -11.14 -4.87 -7.36
N GLN A 136 -12.01 -3.90 -7.69
CA GLN A 136 -12.89 -4.09 -8.86
C GLN A 136 -12.11 -4.03 -10.17
N ILE A 137 -11.18 -3.10 -10.30
CA ILE A 137 -10.36 -3.10 -11.53
C ILE A 137 -9.69 -4.45 -11.75
N MSE A 138 -9.15 -5.04 -10.70
CA MSE A 138 -8.44 -6.32 -10.79
C MSE A 138 -9.35 -7.38 -11.33
O MSE A 138 -8.95 -8.21 -12.14
CB MSE A 138 -8.01 -6.79 -9.40
CG MSE A 138 -6.78 -6.16 -8.88
SE MSE A 138 -6.38 -6.61 -6.99
CE MSE A 138 -6.25 -4.85 -6.64
N ALA A 139 -10.55 -7.42 -10.80
CA ALA A 139 -11.47 -8.52 -11.08
C ALA A 139 -11.72 -8.46 -12.57
N TRP A 140 -12.14 -7.31 -13.06
CA TRP A 140 -12.46 -7.18 -14.47
C TRP A 140 -11.29 -7.47 -15.41
N HIS A 141 -10.06 -7.12 -15.00
CA HIS A 141 -8.88 -7.26 -15.84
C HIS A 141 -8.37 -8.67 -15.80
N TYR A 142 -8.23 -9.25 -14.63
CA TYR A 142 -7.67 -10.59 -14.58
C TYR A 142 -8.71 -11.66 -14.85
N PHE A 143 -9.93 -11.42 -14.44
CA PHE A 143 -10.94 -12.41 -14.48
C PHE A 143 -11.97 -12.14 -15.53
N ALA A 144 -11.65 -11.33 -16.51
CA ALA A 144 -12.59 -11.06 -17.61
C ALA A 144 -13.30 -12.28 -18.20
N ASP A 145 -12.57 -13.32 -18.58
CA ASP A 145 -13.26 -14.39 -19.31
C ASP A 145 -13.45 -15.68 -18.49
N ARG A 146 -13.27 -15.52 -17.17
CA ARG A 146 -13.43 -16.62 -16.26
C ARG A 146 -14.94 -16.88 -16.01
N PRO A 147 -15.32 -18.17 -15.98
CA PRO A 147 -16.74 -18.43 -15.81
C PRO A 147 -17.25 -18.15 -14.40
N PHE A 148 -16.37 -17.91 -13.44
CA PHE A 148 -16.83 -17.67 -12.06
C PHE A 148 -17.00 -16.19 -11.79
N LEU A 149 -16.67 -15.39 -12.80
CA LEU A 149 -16.68 -13.95 -12.72
C LEU A 149 -17.97 -13.37 -12.09
N LYS A 150 -19.13 -13.73 -12.62
CA LYS A 150 -20.39 -13.24 -12.07
C LYS A 150 -20.58 -13.74 -10.65
N ASP A 151 -20.30 -15.02 -10.37
CA ASP A 151 -20.43 -15.53 -9.00
C ASP A 151 -19.54 -14.74 -8.04
N LEU A 152 -18.35 -14.41 -8.53
CA LEU A 152 -17.25 -13.91 -7.73
C LEU A 152 -17.55 -12.49 -7.35
N LEU A 153 -17.92 -11.69 -8.36
CA LEU A 153 -18.26 -10.29 -8.12
C LEU A 153 -19.43 -10.17 -7.19
N CYS A 154 -20.39 -11.09 -7.33
CA CYS A 154 -21.66 -10.99 -6.66
C CYS A 154 -21.38 -11.23 -5.21
N LEU A 155 -20.58 -12.25 -4.97
CA LEU A 155 -20.26 -12.68 -3.63
C LEU A 155 -19.51 -11.52 -2.94
N PHE A 156 -18.53 -11.01 -3.67
CA PHE A 156 -17.68 -9.95 -3.22
C PHE A 156 -18.50 -8.75 -2.71
N GLN A 157 -19.49 -8.35 -3.51
CA GLN A 157 -20.41 -7.26 -3.19
C GLN A 157 -21.20 -7.56 -1.91
N LYS A 158 -21.72 -8.79 -1.79
CA LYS A 158 -22.50 -9.18 -0.61
C LYS A 158 -21.66 -9.11 0.65
N VAL A 159 -20.45 -9.59 0.53
CA VAL A 159 -19.54 -9.61 1.67
C VAL A 159 -19.12 -8.21 2.11
N ASP A 160 -18.94 -7.37 1.12
CA ASP A 160 -18.52 -6.01 1.36
C ASP A 160 -19.66 -5.23 2.01
N TYR A 161 -20.84 -5.37 1.43
CA TYR A 161 -22.03 -4.78 2.02
C TYR A 161 -22.22 -5.25 3.45
N ALA A 162 -22.24 -6.57 3.64
CA ALA A 162 -22.33 -7.04 5.03
C ALA A 162 -21.22 -6.44 5.92
N THR A 163 -20.00 -6.29 5.39
CA THR A 163 -18.94 -5.70 6.20
C THR A 163 -19.29 -4.22 6.57
N ALA A 164 -19.93 -3.50 5.66
CA ALA A 164 -20.27 -2.12 5.94
C ALA A 164 -21.38 -2.03 6.97
N VAL A 165 -22.36 -2.91 6.82
CA VAL A 165 -23.40 -2.99 7.80
C VAL A 165 -22.83 -3.24 9.19
N GLY A 166 -21.84 -4.12 9.28
CA GLY A 166 -21.30 -4.47 10.58
C GLY A 166 -20.48 -3.35 11.18
N GLN A 167 -19.76 -2.59 10.36
CA GLN A 167 -18.97 -1.48 10.87
C GLN A 167 -19.93 -0.48 11.52
N MSE A 168 -21.12 -0.41 10.93
CA MSE A 168 -22.23 0.41 11.42
C MSE A 168 -22.71 -0.15 12.75
O MSE A 168 -22.89 0.62 13.71
CB MSE A 168 -23.37 0.42 10.41
CG MSE A 168 -24.32 1.53 10.57
SE MSE A 168 -26.11 0.90 11.09
CE MSE A 168 -25.79 1.17 12.79
N TYR A 169 -22.87 -1.47 12.84
CA TYR A 169 -23.25 -2.03 14.14
C TYR A 169 -22.19 -1.67 15.19
N ASP A 170 -20.91 -1.81 14.83
CA ASP A 170 -19.74 -1.57 15.70
C ASP A 170 -19.63 -0.14 16.18
N VAL A 171 -19.82 0.78 15.27
CA VAL A 171 -19.35 2.10 15.51
C VAL A 171 -20.49 2.88 16.16
N THR A 172 -21.65 2.24 16.23
CA THR A 172 -22.78 2.78 16.97
C THR A 172 -23.13 1.79 18.10
N SER A 173 -22.18 0.91 18.43
CA SER A 173 -22.41 -0.17 19.42
C SER A 173 -22.44 0.35 20.86
N MSE A 174 -21.96 1.57 21.06
CA MSE A 174 -22.06 2.29 22.35
C MSE A 174 -23.27 3.25 22.46
O MSE A 174 -23.32 4.09 23.36
CB MSE A 174 -20.72 2.98 22.71
CG MSE A 174 -20.35 4.26 21.94
SE MSE A 174 -20.28 4.02 20.01
CE MSE A 174 -18.83 2.60 19.83
N CYS A 175 -24.23 3.11 21.55
CA CYS A 175 -25.50 3.85 21.63
C CYS A 175 -26.73 3.13 22.15
N ASP A 176 -27.59 3.87 22.83
CA ASP A 176 -28.92 3.38 23.15
C ASP A 176 -29.71 3.31 21.84
N SER A 177 -30.07 2.10 21.41
CA SER A 177 -30.92 1.85 20.23
C SER A 177 -32.12 2.81 20.15
N ASN A 178 -32.92 2.81 21.22
CA ASN A 178 -34.08 3.68 21.39
C ASN A 178 -33.85 5.21 21.16
N LYS A 179 -32.60 5.66 21.16
CA LYS A 179 -32.25 7.09 21.14
C LYS A 179 -31.32 7.46 19.96
N LEU A 180 -31.25 6.56 18.99
CA LEU A 180 -30.42 6.68 17.79
C LEU A 180 -31.19 7.46 16.74
N ASP A 181 -31.07 8.77 16.78
CA ASP A 181 -31.85 9.63 15.90
C ASP A 181 -30.93 10.74 15.36
N PRO A 182 -30.71 10.73 14.05
CA PRO A 182 -29.89 11.67 13.31
C PRO A 182 -30.07 13.16 13.67
N GLU A 183 -31.30 13.57 13.97
CA GLU A 183 -31.61 14.98 14.33
C GLU A 183 -31.21 15.37 15.75
N VAL A 184 -31.25 14.42 16.68
CA VAL A 184 -31.06 14.74 18.09
C VAL A 184 -29.67 14.29 18.55
N ALA A 185 -28.91 15.20 19.14
CA ALA A 185 -27.60 14.89 19.72
C ALA A 185 -27.69 13.72 20.74
N GLN A 186 -26.74 12.78 20.67
CA GLN A 186 -26.88 11.47 21.33
C GLN A 186 -25.75 11.09 22.30
N PRO A 187 -25.99 11.18 23.63
CA PRO A 187 -24.94 10.79 24.59
C PRO A 187 -24.77 9.26 24.54
N MSE A 188 -23.66 8.76 25.07
CA MSE A 188 -23.37 7.32 24.98
C MSE A 188 -24.20 6.56 25.99
O MSE A 188 -24.62 7.14 26.99
CB MSE A 188 -21.85 7.01 25.15
CG MSE A 188 -21.28 7.18 26.59
SE MSE A 188 -19.53 6.29 26.95
CE MSE A 188 -19.08 7.34 28.73
N THR A 189 -24.46 5.29 25.72
CA THR A 189 -25.21 4.47 26.68
C THR A 189 -24.65 4.68 28.08
N THR A 190 -25.53 4.59 29.06
CA THR A 190 -25.14 4.53 30.46
C THR A 190 -25.52 3.19 31.11
N ASP A 191 -26.62 2.58 30.64
CA ASP A 191 -27.00 1.26 31.16
C ASP A 191 -26.22 0.09 30.53
N PHE A 192 -25.66 0.28 29.33
CA PHE A 192 -24.92 -0.81 28.69
C PHE A 192 -25.82 -2.05 28.48
N ALA A 193 -27.13 -1.83 28.38
CA ALA A 193 -28.04 -2.95 28.21
C ALA A 193 -27.86 -3.68 26.88
N GLU A 194 -27.29 -2.99 25.89
CA GLU A 194 -27.03 -3.61 24.60
C GLU A 194 -25.72 -4.33 24.51
N PHE A 195 -25.03 -4.42 25.65
CA PHE A 195 -23.77 -5.09 25.72
C PHE A 195 -24.04 -6.56 25.99
N THR A 196 -24.71 -7.24 25.06
CA THR A 196 -25.09 -8.65 25.24
C THR A 196 -24.28 -9.56 24.32
N PRO A 197 -24.23 -10.86 24.65
CA PRO A 197 -23.75 -11.83 23.66
C PRO A 197 -24.47 -11.74 22.34
N ALA A 198 -25.80 -11.69 22.33
CA ALA A 198 -26.50 -11.71 21.05
C ALA A 198 -26.11 -10.55 20.15
N ILE A 199 -25.96 -9.37 20.77
CA ILE A 199 -25.64 -8.16 20.06
C ILE A 199 -24.16 -8.16 19.67
N TYR A 200 -23.31 -8.53 20.63
CA TYR A 200 -21.91 -8.74 20.26
C TYR A 200 -21.86 -9.66 19.06
N LYS A 201 -22.50 -10.84 19.13
CA LYS A 201 -22.37 -11.84 18.04
C LYS A 201 -22.72 -11.25 16.70
N ARG A 202 -23.66 -10.32 16.70
CA ARG A 202 -24.20 -9.78 15.49
C ARG A 202 -23.17 -8.75 14.92
N ILE A 203 -22.66 -7.85 15.77
CA ILE A 203 -21.58 -6.99 15.35
C ILE A 203 -20.52 -7.76 14.59
N VAL A 204 -20.09 -8.87 15.15
CA VAL A 204 -18.86 -9.49 14.72
C VAL A 204 -19.11 -10.35 13.49
N LYS A 205 -20.30 -10.97 13.50
CA LYS A 205 -20.81 -11.72 12.38
C LYS A 205 -20.71 -10.86 11.13
N TYR A 206 -21.16 -9.60 11.21
CA TYR A 206 -21.17 -8.75 10.00
C TYR A 206 -19.87 -8.03 9.75
N LYS A 207 -19.36 -7.36 10.78
CA LYS A 207 -18.08 -6.65 10.56
C LYS A 207 -16.89 -7.55 10.23
N THR A 208 -16.89 -8.84 10.53
CA THR A 208 -15.64 -9.59 10.35
C THR A 208 -15.69 -10.95 9.65
N THR A 209 -16.64 -11.80 10.05
CA THR A 209 -16.63 -13.19 9.62
C THR A 209 -16.74 -13.38 8.09
N PHE A 210 -17.66 -12.64 7.45
CA PHE A 210 -17.85 -12.70 6.01
C PHE A 210 -16.59 -12.42 5.19
N TYR A 211 -15.90 -11.33 5.44
CA TYR A 211 -14.74 -11.06 4.61
C TYR A 211 -13.49 -11.72 5.08
N THR A 212 -13.45 -12.10 6.37
CA THR A 212 -12.21 -12.69 6.89
C THR A 212 -12.18 -14.15 6.58
N TYR A 213 -13.30 -14.84 6.76
CA TYR A 213 -13.30 -16.26 6.53
C TYR A 213 -14.20 -16.67 5.35
N LEU A 214 -15.41 -16.14 5.27
CA LEU A 214 -16.31 -16.67 4.27
C LEU A 214 -15.74 -16.40 2.91
N LEU A 215 -15.33 -15.15 2.66
CA LEU A 215 -14.89 -14.80 1.32
C LEU A 215 -13.62 -15.50 0.85
N PRO A 216 -12.54 -15.55 1.69
CA PRO A 216 -11.32 -16.25 1.24
C PRO A 216 -11.57 -17.74 0.92
N LEU A 217 -12.43 -18.40 1.72
CA LEU A 217 -12.74 -19.81 1.47
C LEU A 217 -13.57 -20.01 0.21
N VAL A 218 -14.62 -19.22 0.06
CA VAL A 218 -15.49 -19.43 -1.06
C VAL A 218 -14.72 -19.05 -2.31
N MSE A 219 -13.93 -17.97 -2.24
CA MSE A 219 -13.06 -17.52 -3.34
C MSE A 219 -12.15 -18.64 -3.85
O MSE A 219 -11.89 -18.77 -5.06
CB MSE A 219 -12.19 -16.36 -2.87
CG MSE A 219 -11.17 -15.90 -3.88
SE MSE A 219 -11.84 -14.64 -5.20
CE MSE A 219 -12.25 -13.09 -3.85
N GLY A 220 -11.68 -19.46 -2.92
CA GLY A 220 -10.78 -20.55 -3.27
C GLY A 220 -11.51 -21.58 -4.10
N LEU A 221 -12.74 -21.85 -3.69
CA LEU A 221 -13.57 -22.81 -4.36
C LEU A 221 -13.87 -22.21 -5.71
N PHE A 222 -14.14 -20.89 -5.72
CA PHE A 222 -14.41 -20.19 -6.97
C PHE A 222 -13.35 -20.38 -8.04
N VAL A 223 -12.09 -20.01 -7.75
CA VAL A 223 -11.03 -20.08 -8.77
C VAL A 223 -10.66 -21.51 -9.16
N SER A 224 -11.03 -22.48 -8.32
CA SER A 224 -10.81 -23.91 -8.55
C SER A 224 -12.03 -24.59 -9.14
N GLU A 225 -13.06 -23.80 -9.45
CA GLU A 225 -14.36 -24.33 -9.90
C GLU A 225 -14.80 -25.56 -9.07
N ALA A 226 -14.65 -25.45 -7.75
CA ALA A 226 -14.90 -26.57 -6.81
C ALA A 226 -16.08 -26.37 -5.84
N ALA A 227 -16.81 -25.27 -5.98
CA ALA A 227 -17.91 -24.97 -5.06
C ALA A 227 -18.96 -26.10 -4.95
N ALA A 228 -19.21 -26.75 -6.09
CA ALA A 228 -20.22 -27.79 -6.20
C ALA A 228 -19.88 -28.94 -5.26
N SER A 229 -18.58 -29.13 -5.03
CA SER A 229 -18.07 -30.28 -4.29
C SER A 229 -17.84 -30.07 -2.77
N VAL A 230 -18.49 -29.06 -2.21
CA VAL A 230 -18.49 -28.87 -0.78
C VAL A 230 -19.92 -28.58 -0.34
N GLU A 231 -20.21 -28.77 0.94
CA GLU A 231 -21.49 -28.36 1.51
C GLU A 231 -21.46 -26.89 1.89
N MSE A 232 -22.00 -26.04 1.02
CA MSE A 232 -21.86 -24.60 1.25
C MSE A 232 -22.31 -24.25 2.65
O MSE A 232 -21.68 -23.45 3.34
CB MSE A 232 -22.60 -23.76 0.21
CG MSE A 232 -22.18 -22.27 0.25
SE MSE A 232 -20.23 -21.95 0.01
CE MSE A 232 -19.83 -23.05 -1.51
N ASN A 233 -23.38 -24.89 3.10
CA ASN A 233 -23.85 -24.66 4.45
C ASN A 233 -22.77 -24.84 5.54
N LEU A 234 -21.93 -25.86 5.37
CA LEU A 234 -20.91 -26.12 6.35
C LEU A 234 -19.90 -25.00 6.33
N VAL A 235 -19.44 -24.68 5.12
CA VAL A 235 -18.52 -23.58 4.87
C VAL A 235 -19.04 -22.34 5.58
N GLU A 236 -20.32 -22.05 5.41
CA GLU A 236 -20.90 -20.86 6.00
C GLU A 236 -20.81 -20.85 7.50
N ARG A 237 -21.09 -21.99 8.12
CA ARG A 237 -21.02 -22.11 9.56
C ARG A 237 -19.57 -22.14 10.10
N VAL A 238 -18.70 -22.87 9.41
CA VAL A 238 -17.34 -22.92 9.92
C VAL A 238 -16.72 -21.53 9.83
N ALA A 239 -17.09 -20.82 8.75
CA ALA A 239 -16.65 -19.44 8.53
C ALA A 239 -17.17 -18.50 9.61
N HIS A 240 -18.45 -18.61 9.92
CA HIS A 240 -19.06 -17.74 10.94
C HIS A 240 -18.43 -18.04 12.28
N LEU A 241 -18.08 -19.30 12.52
CA LEU A 241 -17.56 -19.71 13.83
C LEU A 241 -16.10 -19.36 14.07
N ILE A 242 -15.24 -19.68 13.12
CA ILE A 242 -13.86 -19.26 13.21
C ILE A 242 -13.80 -17.73 13.25
N GLY A 243 -14.65 -17.10 12.45
CA GLY A 243 -14.72 -15.62 12.36
C GLY A 243 -14.99 -14.95 13.70
N GLU A 244 -16.00 -15.42 14.42
CA GLU A 244 -16.31 -14.88 15.75
C GLU A 244 -15.11 -15.05 16.64
N TYR A 245 -14.61 -16.27 16.69
CA TYR A 245 -13.45 -16.56 17.51
C TYR A 245 -12.28 -15.63 17.15
N PHE A 246 -12.00 -15.51 15.85
CA PHE A 246 -10.99 -14.59 15.38
C PHE A 246 -11.08 -13.18 15.98
N GLN A 247 -12.29 -12.61 15.97
CA GLN A 247 -12.56 -11.24 16.44
C GLN A 247 -12.49 -11.16 17.95
N VAL A 248 -12.89 -12.24 18.62
CA VAL A 248 -12.71 -12.30 20.07
C VAL A 248 -11.21 -12.16 20.40
N GLN A 249 -10.36 -12.94 19.73
CA GLN A 249 -8.90 -12.76 19.91
C GLN A 249 -8.48 -11.30 19.71
N ASP A 250 -9.01 -10.64 18.67
CA ASP A 250 -8.68 -9.22 18.41
C ASP A 250 -9.00 -8.39 19.68
N ASP A 251 -10.22 -8.51 20.17
CA ASP A 251 -10.71 -7.73 21.29
C ASP A 251 -9.82 -7.95 22.48
N VAL A 252 -9.47 -9.23 22.71
CA VAL A 252 -8.64 -9.58 23.86
C VAL A 252 -7.28 -8.91 23.70
N MSE A 253 -6.68 -9.14 22.54
CA MSE A 253 -5.38 -8.52 22.29
C MSE A 253 -5.45 -7.00 22.43
O MSE A 253 -4.53 -6.42 22.99
CB MSE A 253 -4.81 -8.96 20.96
CG MSE A 253 -4.49 -10.45 20.98
SE MSE A 253 -3.82 -11.07 19.29
CE MSE A 253 -5.29 -10.50 18.16
N ASP A 254 -6.53 -6.38 21.96
CA ASP A 254 -6.69 -4.93 22.04
C ASP A 254 -6.36 -4.42 23.43
N CYS A 255 -6.73 -5.18 24.44
CA CYS A 255 -6.50 -4.80 25.81
C CYS A 255 -5.20 -5.42 26.34
N PHE A 256 -4.92 -6.67 25.98
CA PHE A 256 -3.89 -7.41 26.72
C PHE A 256 -2.55 -7.60 26.06
N THR A 257 -2.50 -7.42 24.76
CA THR A 257 -1.22 -7.57 24.07
C THR A 257 -0.60 -6.19 23.94
N PRO A 258 0.68 -6.08 24.30
CA PRO A 258 1.48 -4.90 24.06
C PRO A 258 1.69 -4.53 22.58
N PRO A 259 1.66 -3.22 22.28
CA PRO A 259 1.93 -2.73 20.95
C PRO A 259 3.17 -3.39 20.30
N GLU A 260 4.23 -3.52 21.09
CA GLU A 260 5.50 -4.11 20.62
C GLU A 260 5.23 -5.37 19.79
N GLN A 261 4.52 -6.31 20.39
CA GLN A 261 4.13 -7.54 19.72
C GLN A 261 2.85 -7.35 18.90
N LEU A 262 1.91 -6.53 19.38
CA LEU A 262 0.60 -6.43 18.70
C LEU A 262 0.66 -5.80 17.32
N GLY A 263 1.32 -4.65 17.19
CA GLY A 263 1.40 -3.97 15.90
C GLY A 263 0.41 -2.82 15.77
N LYS A 264 -0.48 -2.72 16.76
CA LYS A 264 -1.47 -1.64 16.89
C LYS A 264 -1.62 -1.29 18.38
N VAL A 265 -1.98 -0.03 18.66
CA VAL A 265 -2.26 0.40 20.03
C VAL A 265 -3.73 0.22 20.29
N GLY A 266 -4.10 -0.47 21.36
CA GLY A 266 -5.51 -0.73 21.68
C GLY A 266 -6.31 0.53 21.91
N THR A 267 -7.61 0.49 21.57
CA THR A 267 -8.48 1.61 21.86
C THR A 267 -9.93 1.22 22.10
N ASP A 268 -10.21 -0.03 22.49
CA ASP A 268 -11.60 -0.45 22.60
C ASP A 268 -12.33 0.15 23.82
N ILE A 269 -11.63 0.18 24.96
CA ILE A 269 -12.05 0.83 26.20
C ILE A 269 -12.24 2.35 26.01
N GLU A 270 -11.28 3.00 25.36
CA GLU A 270 -11.37 4.44 25.19
C GLU A 270 -12.57 4.77 24.32
N ASP A 271 -12.82 3.95 23.31
CA ASP A 271 -13.91 4.17 22.39
C ASP A 271 -15.24 3.54 22.87
N ALA A 272 -15.30 3.00 24.09
CA ALA A 272 -16.54 2.46 24.61
C ALA A 272 -17.15 1.40 23.69
N LYS A 273 -16.27 0.60 23.07
CA LYS A 273 -16.65 -0.44 22.11
C LYS A 273 -17.29 -1.62 22.78
N CYS A 274 -18.32 -2.14 22.13
CA CYS A 274 -18.93 -3.34 22.61
C CYS A 274 -18.01 -4.59 22.35
N SER A 275 -16.87 -4.64 23.02
CA SER A 275 -15.94 -5.73 22.87
C SER A 275 -16.40 -6.95 23.66
N TRP A 276 -15.84 -8.10 23.32
CA TRP A 276 -16.11 -9.34 24.03
C TRP A 276 -15.76 -9.24 25.54
N LEU A 277 -14.74 -8.46 25.92
CA LEU A 277 -14.37 -8.30 27.33
C LEU A 277 -15.41 -7.50 28.04
N ALA A 278 -15.88 -6.41 27.46
CA ALA A 278 -16.88 -5.61 28.17
C ALA A 278 -18.15 -6.44 28.40
N VAL A 279 -18.56 -7.22 27.39
CA VAL A 279 -19.74 -8.08 27.45
C VAL A 279 -19.52 -9.28 28.37
N THR A 280 -18.37 -9.94 28.27
CA THR A 280 -18.09 -11.05 29.15
C THR A 280 -17.99 -10.54 30.59
N PHE A 281 -17.50 -9.31 30.77
CA PHE A 281 -17.38 -8.74 32.11
C PHE A 281 -18.72 -8.37 32.69
N LEU A 282 -19.55 -7.75 31.87
CA LEU A 282 -20.89 -7.44 32.33
C LEU A 282 -21.72 -8.69 32.67
N GLY A 283 -21.39 -9.83 32.05
CA GLY A 283 -22.04 -11.09 32.34
C GLY A 283 -21.62 -11.81 33.63
N LYS A 284 -20.79 -11.18 34.45
CA LYS A 284 -20.31 -11.91 35.62
C LYS A 284 -19.98 -10.96 36.75
N ALA A 285 -19.83 -9.69 36.44
CA ALA A 285 -19.47 -8.74 37.48
C ALA A 285 -20.59 -8.62 38.51
N ASN A 286 -20.21 -8.31 39.76
CA ASN A 286 -21.17 -8.02 40.83
C ASN A 286 -21.54 -6.54 40.77
N ALA A 287 -22.53 -6.13 41.56
CA ALA A 287 -22.97 -4.73 41.52
C ALA A 287 -21.85 -3.68 41.70
N ALA A 288 -20.93 -3.90 42.63
CA ALA A 288 -19.82 -2.92 42.81
C ALA A 288 -18.88 -2.86 41.59
N GLN A 289 -18.69 -4.00 40.94
CA GLN A 289 -17.83 -4.08 39.75
C GLN A 289 -18.50 -3.47 38.51
N VAL A 290 -19.80 -3.68 38.37
CA VAL A 290 -20.51 -3.01 37.27
C VAL A 290 -20.43 -1.50 37.46
N ALA A 291 -20.72 -1.04 38.67
CA ALA A 291 -20.71 0.40 38.94
C ALA A 291 -19.36 1.06 38.65
N GLU A 292 -18.26 0.46 39.12
CA GLU A 292 -16.89 0.97 38.85
C GLU A 292 -16.60 1.07 37.34
N PHE A 293 -16.98 0.02 36.62
CA PHE A 293 -16.92 -0.04 35.17
C PHE A 293 -17.65 1.14 34.51
N LYS A 294 -18.93 1.28 34.80
CA LYS A 294 -19.74 2.38 34.24
C LYS A 294 -19.14 3.73 34.55
N ALA A 295 -18.52 3.84 35.72
CA ALA A 295 -18.01 5.14 36.16
C ALA A 295 -16.81 5.52 35.32
N ASN A 296 -16.17 4.51 34.70
CA ASN A 296 -14.82 4.58 34.14
C ASN A 296 -14.67 4.34 32.64
N TYR A 297 -15.67 3.69 32.04
CA TYR A 297 -15.57 3.20 30.66
C TYR A 297 -15.95 4.23 29.61
N GLY A 298 -15.25 4.18 28.46
CA GLY A 298 -15.47 5.11 27.34
C GLY A 298 -14.71 6.42 27.46
N ASP A 299 -13.55 6.40 28.10
CA ASP A 299 -12.85 7.64 28.35
C ASP A 299 -11.34 7.51 28.21
N LYS A 300 -10.75 8.51 27.53
CA LYS A 300 -9.32 8.52 27.16
C LYS A 300 -8.39 8.66 28.35
N ASP A 301 -8.89 9.27 29.42
CA ASP A 301 -8.11 9.51 30.61
C ASP A 301 -7.44 8.21 31.06
N PRO A 302 -6.09 8.12 30.92
CA PRO A 302 -5.33 6.87 31.12
C PRO A 302 -5.63 6.18 32.44
N ALA A 303 -5.97 6.96 33.44
CA ALA A 303 -6.27 6.44 34.76
C ALA A 303 -7.57 5.64 34.74
N LYS A 304 -8.62 6.23 34.15
CA LYS A 304 -9.94 5.56 33.95
C LYS A 304 -9.77 4.25 33.15
N VAL A 305 -8.95 4.32 32.11
CA VAL A 305 -8.58 3.18 31.35
C VAL A 305 -7.96 2.10 32.27
N ALA A 306 -6.96 2.48 33.06
CA ALA A 306 -6.28 1.48 33.88
C ALA A 306 -7.22 0.82 34.87
N VAL A 307 -8.28 1.51 35.23
CA VAL A 307 -9.26 0.95 36.17
C VAL A 307 -10.01 -0.22 35.54
N VAL A 308 -10.50 0.01 34.31
CA VAL A 308 -11.17 -1.01 33.51
C VAL A 308 -10.29 -2.26 33.36
N LYS A 309 -9.04 -2.06 32.97
CA LYS A 309 -8.09 -3.18 32.88
C LYS A 309 -7.87 -3.83 34.24
N ARG A 310 -7.77 -3.01 35.27
CA ARG A 310 -7.66 -3.58 36.59
C ARG A 310 -8.90 -4.49 36.80
N LEU A 311 -10.08 -3.93 36.54
CA LEU A 311 -11.35 -4.62 36.71
C LEU A 311 -11.40 -5.91 35.90
N TYR A 312 -10.93 -5.86 34.65
CA TYR A 312 -10.93 -7.03 33.77
C TYR A 312 -10.05 -8.13 34.34
N SER A 313 -8.86 -7.73 34.78
CA SER A 313 -7.89 -8.64 35.38
C SER A 313 -8.47 -9.36 36.57
N GLU A 314 -9.15 -8.60 37.45
CA GLU A 314 -9.70 -9.16 38.69
C GLU A 314 -10.78 -10.23 38.44
N ALA A 315 -11.45 -10.11 37.29
CA ALA A 315 -12.54 -11.02 36.90
C ALA A 315 -12.07 -12.19 36.08
N ASN A 316 -10.76 -12.35 35.96
CA ASN A 316 -10.18 -13.47 35.23
C ASN A 316 -10.86 -13.63 33.90
N LEU A 317 -10.88 -12.57 33.11
CA LEU A 317 -11.42 -12.72 31.78
C LEU A 317 -10.50 -13.63 30.97
N GLN A 318 -9.18 -13.45 31.13
CA GLN A 318 -8.16 -14.44 30.73
C GLN A 318 -8.70 -15.84 30.87
N ALA A 319 -9.17 -16.18 32.07
CA ALA A 319 -9.80 -17.48 32.29
C ALA A 319 -10.90 -17.74 31.29
N ASP A 320 -11.91 -16.86 31.24
CA ASP A 320 -13.10 -17.08 30.42
C ASP A 320 -12.75 -17.31 28.97
N PHE A 321 -11.74 -16.62 28.45
CA PHE A 321 -11.38 -16.83 27.07
C PHE A 321 -11.04 -18.28 26.75
N ALA A 322 -10.36 -18.95 27.68
CA ALA A 322 -9.93 -20.34 27.52
C ALA A 322 -11.12 -21.27 27.43
N ALA A 323 -12.11 -21.02 28.28
CA ALA A 323 -13.36 -21.78 28.21
C ALA A 323 -13.93 -21.69 26.78
N TYR A 324 -14.28 -20.47 26.37
CA TYR A 324 -14.65 -20.12 24.99
C TYR A 324 -13.79 -20.80 23.91
N GLU A 325 -12.47 -20.61 24.01
CA GLU A 325 -11.52 -21.25 23.09
C GLU A 325 -11.74 -22.76 23.01
N ALA A 326 -11.88 -23.40 24.17
CA ALA A 326 -11.97 -24.83 24.23
C ALA A 326 -13.27 -25.27 23.59
N GLU A 327 -14.32 -24.47 23.78
CA GLU A 327 -15.61 -24.73 23.13
C GLU A 327 -15.47 -24.56 21.62
N VAL A 328 -14.84 -23.47 21.22
CA VAL A 328 -14.64 -23.26 19.82
C VAL A 328 -13.93 -24.44 19.16
N VAL A 329 -12.89 -24.97 19.80
CA VAL A 329 -12.12 -26.13 19.28
C VAL A 329 -13.03 -27.36 19.01
N ARG A 330 -13.88 -27.65 19.98
CA ARG A 330 -14.91 -28.70 19.81
C ARG A 330 -15.71 -28.44 18.54
N GLU A 331 -16.40 -27.30 18.52
CA GLU A 331 -17.25 -26.96 17.41
C GLU A 331 -16.56 -26.97 16.06
N VAL A 332 -15.32 -26.52 16.03
CA VAL A 332 -14.54 -26.44 14.80
C VAL A 332 -14.26 -27.83 14.24
N GLU A 333 -13.75 -28.69 15.09
CA GLU A 333 -13.34 -30.02 14.71
C GLU A 333 -14.55 -30.76 14.24
N SER A 334 -15.65 -30.56 14.96
CA SER A 334 -16.95 -31.09 14.58
C SER A 334 -17.26 -30.75 13.13
N LEU A 335 -17.14 -29.46 12.80
CA LEU A 335 -17.46 -28.97 11.46
C LEU A 335 -16.44 -29.47 10.45
N ILE A 336 -15.18 -29.55 10.85
CA ILE A 336 -14.16 -30.13 9.98
C ILE A 336 -14.50 -31.60 9.58
N GLU A 337 -14.95 -32.38 10.57
CA GLU A 337 -15.35 -33.74 10.32
C GLU A 337 -16.46 -33.72 9.29
N GLN A 338 -17.49 -32.92 9.55
CA GLN A 338 -18.65 -32.88 8.70
C GLN A 338 -18.22 -32.53 7.28
N LEU A 339 -17.11 -31.80 7.16
CA LEU A 339 -16.59 -31.44 5.84
C LEU A 339 -15.76 -32.53 5.17
N LYS A 340 -15.29 -33.52 5.93
CA LYS A 340 -14.54 -34.62 5.31
C LYS A 340 -15.50 -35.54 4.52
N VAL A 341 -16.79 -35.33 4.72
CA VAL A 341 -17.79 -36.19 4.09
C VAL A 341 -17.75 -36.07 2.57
N LYS A 342 -18.00 -34.88 2.00
CA LYS A 342 -17.84 -34.70 0.54
C LYS A 342 -16.41 -34.31 0.18
N SER A 343 -15.75 -33.57 1.05
CA SER A 343 -14.53 -32.86 0.63
C SER A 343 -13.41 -32.96 1.64
N PRO A 344 -12.72 -34.12 1.66
CA PRO A 344 -11.68 -34.40 2.67
C PRO A 344 -10.61 -33.32 2.62
N THR A 345 -10.23 -32.99 1.40
CA THR A 345 -9.13 -32.09 1.13
C THR A 345 -9.44 -30.59 1.50
N PHE A 346 -10.67 -30.15 1.24
CA PHE A 346 -11.08 -28.81 1.63
C PHE A 346 -11.13 -28.77 3.12
N ALA A 347 -11.66 -29.81 3.74
CA ALA A 347 -11.67 -29.91 5.20
C ALA A 347 -10.28 -29.75 5.85
N GLU A 348 -9.25 -30.23 5.17
CA GLU A 348 -7.88 -30.05 5.62
C GLU A 348 -7.50 -28.57 5.48
N SER A 349 -7.80 -27.93 4.33
CA SER A 349 -7.57 -26.50 4.16
C SER A 349 -8.09 -25.72 5.39
N VAL A 350 -9.34 -25.98 5.75
CA VAL A 350 -9.96 -25.32 6.88
C VAL A 350 -9.20 -25.58 8.16
N ALA A 351 -8.67 -26.80 8.30
CA ALA A 351 -8.00 -27.18 9.54
C ALA A 351 -6.71 -26.39 9.63
N VAL A 352 -6.03 -26.29 8.50
CA VAL A 352 -4.87 -25.46 8.41
C VAL A 352 -5.27 -24.04 8.84
N VAL A 353 -6.28 -23.48 8.17
CA VAL A 353 -6.71 -22.11 8.44
C VAL A 353 -6.99 -21.92 9.93
N TRP A 354 -7.63 -22.91 10.51
CA TRP A 354 -7.91 -22.93 11.94
C TRP A 354 -6.65 -22.89 12.80
N GLU A 355 -5.69 -23.78 12.55
CA GLU A 355 -4.51 -23.83 13.40
C GLU A 355 -3.75 -22.51 13.39
N LYS A 356 -3.56 -21.92 12.21
CA LYS A 356 -2.98 -20.57 12.09
C LYS A 356 -3.65 -19.58 13.05
N THR A 357 -4.98 -19.52 12.99
CA THR A 357 -5.76 -18.58 13.77
C THR A 357 -5.71 -18.92 15.25
N HIS A 358 -5.82 -20.22 15.50
CA HIS A 358 -5.85 -20.76 16.83
C HIS A 358 -4.63 -20.31 17.64
N LYS A 359 -3.43 -20.39 17.07
CA LYS A 359 -2.25 -20.11 17.85
C LYS A 359 -1.44 -18.87 17.46
N ARG A 360 -2.06 -17.97 16.68
CA ARG A 360 -1.52 -16.64 16.44
C ARG A 360 -1.47 -15.82 17.74
N LYS A 361 -0.70 -14.74 17.67
CA LYS A 361 -0.46 -13.87 18.80
C LYS A 361 -0.33 -12.52 18.19
N LYS A 362 -0.74 -12.49 16.94
CA LYS A 362 -0.52 -11.38 16.04
C LYS A 362 0.74 -10.52 16.22
N MSE B 1 -44.34 18.03 -11.82
CA MSE B 1 -44.10 17.24 -13.06
C MSE B 1 -44.19 15.70 -12.89
O MSE B 1 -43.40 15.09 -12.15
CB MSE B 1 -42.77 17.62 -13.67
CG MSE B 1 -42.19 16.57 -14.58
SE MSE B 1 -40.95 17.37 -15.85
CE MSE B 1 -39.12 17.45 -14.74
N ALA B 2 -45.14 15.08 -13.59
CA ALA B 2 -45.33 13.64 -13.56
C ALA B 2 -43.96 13.05 -13.83
N SER B 3 -43.72 11.77 -13.72
CA SER B 3 -42.42 11.37 -14.28
C SER B 3 -41.22 11.68 -13.34
N MSE B 4 -41.05 12.93 -12.93
CA MSE B 4 -40.28 13.20 -11.73
C MSE B 4 -40.82 12.33 -10.58
O MSE B 4 -40.05 11.57 -9.96
CB MSE B 4 -40.32 14.69 -11.36
CG MSE B 4 -39.62 15.00 -10.02
SE MSE B 4 -37.71 14.76 -10.23
CE MSE B 4 -37.33 16.51 -11.36
N GLU B 5 -42.12 12.43 -10.32
CA GLU B 5 -42.84 11.59 -9.38
C GLU B 5 -42.75 10.09 -9.69
N ARG B 6 -42.74 9.71 -10.97
CA ARG B 6 -42.61 8.29 -11.31
C ARG B 6 -41.22 7.81 -10.85
N PHE B 7 -40.22 8.64 -11.13
CA PHE B 7 -38.84 8.37 -10.73
C PHE B 7 -38.66 8.30 -9.20
N LEU B 8 -39.30 9.21 -8.46
CA LEU B 8 -39.26 9.18 -7.00
C LEU B 8 -39.98 7.96 -6.48
N SER B 9 -40.96 7.48 -7.23
CA SER B 9 -41.69 6.33 -6.80
C SER B 9 -40.85 5.06 -6.86
N VAL B 10 -39.94 5.00 -7.80
CA VAL B 10 -39.11 3.82 -7.89
C VAL B 10 -38.11 3.91 -6.73
N TYR B 11 -37.74 5.14 -6.33
CA TYR B 11 -36.92 5.34 -5.12
C TYR B 11 -37.59 4.70 -3.96
N ASP B 12 -38.88 4.90 -3.84
CA ASP B 12 -39.66 4.24 -2.79
C ASP B 12 -39.57 2.73 -2.86
N GLU B 13 -39.70 2.19 -4.06
CA GLU B 13 -39.45 0.78 -4.31
C GLU B 13 -38.07 0.34 -3.79
N VAL B 14 -37.04 1.07 -4.18
CA VAL B 14 -35.68 0.64 -3.95
C VAL B 14 -35.45 0.64 -2.44
N GLN B 15 -35.93 1.71 -1.79
CA GLN B 15 -35.74 1.88 -0.39
C GLN B 15 -36.38 0.72 0.37
N ALA B 16 -37.67 0.51 0.18
CA ALA B 16 -38.37 -0.56 0.91
C ALA B 16 -37.61 -1.85 0.68
N PHE B 17 -37.23 -2.12 -0.57
CA PHE B 17 -36.48 -3.32 -0.86
C PHE B 17 -35.22 -3.43 0.00
N LEU B 18 -34.50 -2.33 0.11
CA LEU B 18 -33.24 -2.34 0.77
C LEU B 18 -33.46 -2.53 2.26
N LEU B 19 -34.42 -1.78 2.83
CA LEU B 19 -34.64 -1.77 4.25
C LEU B 19 -35.26 -3.10 4.68
N ASP B 20 -36.25 -3.61 3.92
CA ASP B 20 -36.82 -4.94 4.23
C ASP B 20 -35.71 -6.03 4.27
N GLN B 21 -34.73 -5.86 3.39
CA GLN B 21 -33.65 -6.79 3.28
C GLN B 21 -32.76 -6.67 4.53
N LEU B 22 -32.68 -5.48 5.10
CA LEU B 22 -31.88 -5.32 6.31
C LEU B 22 -32.55 -6.03 7.47
N GLN B 23 -33.87 -5.98 7.47
CA GLN B 23 -34.61 -6.58 8.54
C GLN B 23 -34.46 -8.07 8.37
N SER B 24 -34.67 -8.57 7.16
CA SER B 24 -34.74 -10.00 7.00
C SER B 24 -33.40 -10.71 6.75
N LYS B 25 -32.44 -10.10 6.08
CA LYS B 25 -31.17 -10.81 5.86
C LYS B 25 -30.02 -10.31 6.77
N TYR B 26 -30.21 -9.20 7.47
CA TYR B 26 -29.04 -8.57 8.11
C TYR B 26 -29.18 -8.36 9.64
N GLU B 27 -30.32 -8.79 10.19
CA GLU B 27 -30.67 -8.71 11.61
C GLU B 27 -30.66 -7.29 12.15
N ILE B 28 -31.03 -6.34 11.29
CA ILE B 28 -31.10 -4.99 11.73
C ILE B 28 -32.28 -4.80 12.67
N ASP B 29 -32.12 -3.91 13.64
CA ASP B 29 -33.18 -3.53 14.55
C ASP B 29 -33.96 -2.30 14.02
N PRO B 30 -35.15 -2.04 14.56
CA PRO B 30 -35.99 -0.95 13.99
C PRO B 30 -35.32 0.43 14.02
N ASN B 31 -34.55 0.72 15.07
CA ASN B 31 -33.92 2.02 15.16
C ASN B 31 -32.75 2.27 14.20
N ARG B 32 -31.90 1.29 14.01
CA ARG B 32 -30.91 1.45 12.97
C ARG B 32 -31.53 1.49 11.59
N ALA B 33 -32.57 0.68 11.36
CA ALA B 33 -33.30 0.71 10.08
C ALA B 33 -33.75 2.12 9.78
N ARG B 34 -34.31 2.76 10.81
CA ARG B 34 -34.77 4.13 10.73
C ARG B 34 -33.61 5.07 10.44
N TYR B 35 -32.48 4.83 11.13
CA TYR B 35 -31.31 5.67 10.92
C TYR B 35 -30.87 5.56 9.45
N LEU B 36 -30.83 4.32 8.93
CA LEU B 36 -30.49 4.15 7.54
C LEU B 36 -31.53 4.72 6.57
N ARG B 37 -32.81 4.71 6.94
CA ARG B 37 -33.83 5.38 6.13
C ARG B 37 -33.58 6.84 6.08
N ILE B 38 -33.37 7.46 7.25
CA ILE B 38 -33.14 8.90 7.24
C ILE B 38 -31.83 9.27 6.52
N MSE B 39 -30.77 8.46 6.74
CA MSE B 39 -29.51 8.76 6.04
C MSE B 39 -29.73 8.69 4.52
O MSE B 39 -29.41 9.63 3.82
CB MSE B 39 -28.33 7.90 6.55
CG MSE B 39 -26.97 8.21 5.87
SE MSE B 39 -26.63 7.19 4.21
CE MSE B 39 -26.63 5.51 4.97
N MSE B 40 -30.38 7.63 4.07
CA MSE B 40 -30.75 7.48 2.63
C MSE B 40 -31.55 8.65 2.05
O MSE B 40 -31.17 9.17 1.01
CB MSE B 40 -31.49 6.17 2.37
CG MSE B 40 -31.65 5.85 0.92
SE MSE B 40 -32.79 4.33 0.57
CE MSE B 40 -32.01 3.01 1.71
N ASP B 41 -32.61 9.08 2.76
CA ASP B 41 -33.38 10.32 2.37
C ASP B 41 -32.51 11.54 2.33
N THR B 42 -31.72 11.78 3.38
CA THR B 42 -30.97 13.01 3.41
C THR B 42 -29.94 13.00 2.30
N THR B 43 -29.17 11.93 2.19
CA THR B 43 -28.09 11.91 1.21
C THR B 43 -28.52 11.68 -0.22
N CYS B 44 -29.62 10.99 -0.46
CA CYS B 44 -29.99 10.72 -1.88
C CYS B 44 -31.08 11.64 -2.47
N LEU B 45 -31.77 12.41 -1.62
CA LEU B 45 -32.91 13.22 -2.09
C LEU B 45 -32.58 14.68 -1.86
N GLY B 46 -33.29 15.58 -2.53
CA GLY B 46 -33.06 17.00 -2.33
C GLY B 46 -32.32 17.72 -3.46
N GLY B 47 -31.62 16.96 -4.32
CA GLY B 47 -30.88 17.55 -5.46
C GLY B 47 -31.67 17.85 -6.72
N LYS B 48 -30.96 18.11 -7.82
CA LYS B 48 -31.67 18.39 -9.06
C LYS B 48 -32.17 17.14 -9.77
N TYR B 49 -31.55 16.00 -9.47
CA TYR B 49 -31.82 14.70 -10.05
C TYR B 49 -31.48 14.70 -11.50
N PHE B 50 -30.51 15.52 -11.88
CA PHE B 50 -30.08 15.58 -13.29
C PHE B 50 -29.62 14.22 -13.73
N ARG B 51 -28.67 13.67 -13.03
CA ARG B 51 -28.05 12.42 -13.43
C ARG B 51 -29.06 11.26 -13.64
N GLY B 52 -29.92 10.98 -12.66
CA GLY B 52 -30.86 9.90 -12.83
C GLY B 52 -31.88 10.17 -13.93
N MSE B 53 -32.42 11.39 -13.91
CA MSE B 53 -33.38 11.84 -14.90
C MSE B 53 -32.80 11.82 -16.30
O MSE B 53 -33.54 11.71 -17.27
CB MSE B 53 -33.89 13.26 -14.58
CG MSE B 53 -34.93 13.36 -13.44
SE MSE B 53 -36.44 12.12 -13.56
CE MSE B 53 -37.66 13.26 -14.72
N THR B 54 -31.50 11.95 -16.43
CA THR B 54 -30.93 11.92 -17.78
C THR B 54 -31.09 10.50 -18.29
N VAL B 55 -30.86 9.54 -17.39
CA VAL B 55 -30.97 8.20 -17.85
C VAL B 55 -32.41 7.91 -18.25
N VAL B 56 -33.37 8.46 -17.51
CA VAL B 56 -34.76 8.29 -17.85
C VAL B 56 -35.06 8.89 -19.21
N ASN B 57 -34.55 10.09 -19.45
CA ASN B 57 -34.80 10.78 -20.72
C ASN B 57 -34.18 10.07 -21.93
N VAL B 58 -32.98 9.54 -21.77
CA VAL B 58 -32.34 8.91 -22.90
C VAL B 58 -33.16 7.68 -23.35
N ALA B 59 -33.74 7.02 -22.36
CA ALA B 59 -34.44 5.81 -22.60
C ALA B 59 -35.83 6.10 -23.23
N GLU B 60 -36.51 7.16 -22.75
CA GLU B 60 -37.77 7.63 -23.32
C GLU B 60 -37.64 7.91 -24.81
N GLY B 61 -36.48 8.41 -25.22
CA GLY B 61 -36.26 8.86 -26.57
C GLY B 61 -35.98 7.71 -27.51
N PHE B 62 -35.41 6.62 -27.00
CA PHE B 62 -35.36 5.48 -27.86
C PHE B 62 -36.72 4.78 -27.93
N LEU B 63 -37.42 4.73 -26.80
CA LEU B 63 -38.71 4.07 -26.77
C LEU B 63 -39.65 4.69 -27.79
N ALA B 64 -39.73 6.02 -27.81
CA ALA B 64 -40.61 6.75 -28.74
C ALA B 64 -40.34 6.45 -30.23
N VAL B 65 -39.16 5.93 -30.57
CA VAL B 65 -38.90 5.66 -31.97
C VAL B 65 -38.72 4.18 -32.25
N THR B 66 -39.11 3.37 -31.29
CA THR B 66 -38.71 1.97 -31.31
C THR B 66 -39.79 1.02 -30.84
N GLN B 67 -39.92 -0.06 -31.62
CA GLN B 67 -40.86 -1.16 -31.40
C GLN B 67 -40.54 -2.03 -30.20
N HIS B 68 -41.45 -2.12 -29.25
CA HIS B 68 -41.28 -3.08 -28.14
C HIS B 68 -42.66 -3.55 -27.72
N ASP B 69 -42.76 -4.74 -27.14
CA ASP B 69 -43.98 -5.09 -26.44
C ASP B 69 -44.16 -4.08 -25.29
N GLU B 70 -45.41 -3.81 -24.97
CA GLU B 70 -45.71 -2.96 -23.85
C GLU B 70 -44.93 -3.34 -22.58
N ALA B 71 -44.79 -4.63 -22.32
CA ALA B 71 -44.01 -5.10 -21.18
C ALA B 71 -42.52 -4.69 -21.29
N THR B 72 -41.97 -4.74 -22.49
CA THR B 72 -40.61 -4.35 -22.70
C THR B 72 -40.46 -2.86 -22.47
N LYS B 73 -41.45 -2.09 -22.92
CA LYS B 73 -41.50 -0.67 -22.59
C LYS B 73 -41.44 -0.49 -21.07
N GLU B 74 -42.31 -1.18 -20.33
CA GLU B 74 -42.37 -1.00 -18.89
C GLU B 74 -41.04 -1.38 -18.20
N ARG B 75 -40.46 -2.50 -18.62
CA ARG B 75 -39.19 -2.98 -18.07
C ARG B 75 -38.05 -1.97 -18.29
N ILE B 76 -37.95 -1.41 -19.50
CA ILE B 76 -36.92 -0.44 -19.85
C ILE B 76 -37.09 0.88 -19.04
N LEU B 77 -38.33 1.36 -18.91
CA LEU B 77 -38.61 2.54 -18.10
C LEU B 77 -38.31 2.27 -16.62
N HIS B 78 -38.67 1.08 -16.13
CA HIS B 78 -38.32 0.70 -14.76
C HIS B 78 -36.82 0.53 -14.59
N ASP B 79 -36.14 -0.17 -15.50
CA ASP B 79 -34.69 -0.25 -15.49
C ASP B 79 -34.10 1.15 -15.54
N ALA B 80 -34.62 1.98 -16.42
CA ALA B 80 -34.11 3.34 -16.53
C ALA B 80 -34.12 3.97 -15.14
N CYS B 81 -35.25 3.89 -14.45
CA CYS B 81 -35.36 4.56 -13.18
C CYS B 81 -34.36 4.00 -12.19
N VAL B 82 -34.20 2.67 -12.20
CA VAL B 82 -33.36 1.99 -11.23
C VAL B 82 -31.90 2.35 -11.46
N GLY B 83 -31.49 2.42 -12.73
CA GLY B 83 -30.10 2.78 -13.08
C GLY B 83 -29.82 4.23 -12.67
N GLY B 84 -30.82 5.08 -12.90
CA GLY B 84 -30.73 6.45 -12.55
C GLY B 84 -30.47 6.51 -11.09
N TRP B 85 -31.17 5.68 -10.32
CA TRP B 85 -31.00 5.77 -8.87
C TRP B 85 -29.69 5.26 -8.40
N MSE B 86 -29.14 4.29 -9.13
CA MSE B 86 -27.81 3.83 -8.86
C MSE B 86 -26.88 5.02 -8.99
O MSE B 86 -26.00 5.19 -8.19
CB MSE B 86 -27.38 2.75 -9.86
CG MSE B 86 -27.90 1.39 -9.58
SE MSE B 86 -27.34 0.16 -11.01
CE MSE B 86 -25.39 0.11 -10.75
N ILE B 87 -27.08 5.84 -10.01
CA ILE B 87 -26.23 7.02 -10.21
C ILE B 87 -26.52 8.05 -9.16
N GLU B 88 -27.78 8.26 -8.78
CA GLU B 88 -28.00 9.24 -7.68
C GLU B 88 -27.41 8.76 -6.38
N PHE B 89 -27.41 7.43 -6.16
CA PHE B 89 -26.81 6.84 -4.97
C PHE B 89 -25.25 6.95 -4.99
N LEU B 90 -24.68 6.89 -6.20
CA LEU B 90 -23.25 7.13 -6.36
C LEU B 90 -22.91 8.61 -6.08
N GLN B 91 -23.70 9.54 -6.58
CA GLN B 91 -23.49 10.93 -6.17
C GLN B 91 -23.50 11.10 -4.65
N ALA B 92 -24.56 10.62 -4.01
CA ALA B 92 -24.70 10.65 -2.56
C ALA B 92 -23.44 10.12 -1.85
N HIS B 93 -22.88 9.03 -2.34
CA HIS B 93 -21.62 8.59 -1.77
C HIS B 93 -20.55 9.66 -1.98
N TYR B 94 -20.48 10.19 -3.18
CA TYR B 94 -19.46 11.19 -3.42
C TYR B 94 -19.62 12.41 -2.50
N LEU B 95 -20.84 12.89 -2.37
CA LEU B 95 -21.06 14.12 -1.65
C LEU B 95 -20.79 13.92 -0.14
N VAL B 96 -21.25 12.78 0.39
CA VAL B 96 -21.02 12.55 1.79
C VAL B 96 -19.53 12.61 2.17
N GLU B 97 -18.70 11.86 1.47
CA GLU B 97 -17.28 11.83 1.73
C GLU B 97 -16.69 13.20 1.43
N ASP B 98 -17.09 13.76 0.30
CA ASP B 98 -16.48 14.98 -0.13
C ASP B 98 -16.77 16.13 0.83
N ASP B 99 -17.96 16.16 1.40
CA ASP B 99 -18.23 17.23 2.36
C ASP B 99 -17.33 17.12 3.60
N ILE B 100 -16.98 15.90 3.97
CA ILE B 100 -16.02 15.69 5.03
C ILE B 100 -14.64 16.24 4.59
N MSE B 101 -14.19 15.83 3.40
CA MSE B 101 -12.88 16.22 2.88
C MSE B 101 -12.74 17.72 2.72
O MSE B 101 -11.66 18.29 2.90
CB MSE B 101 -12.64 15.53 1.55
CG MSE B 101 -12.61 14.04 1.74
SE MSE B 101 -12.41 13.00 0.11
CE MSE B 101 -13.89 13.42 -0.77
N ASP B 102 -13.85 18.35 2.35
CA ASP B 102 -13.78 19.75 2.02
C ASP B 102 -14.01 20.66 3.19
N GLY B 103 -14.39 20.09 4.33
CA GLY B 103 -14.71 20.85 5.52
C GLY B 103 -16.01 21.63 5.43
N SER B 104 -16.98 21.16 4.62
CA SER B 104 -18.26 21.91 4.37
C SER B 104 -19.31 21.80 5.46
N VAL B 105 -20.24 22.74 5.45
CA VAL B 105 -21.32 22.82 6.45
C VAL B 105 -22.70 22.50 5.91
N MSE B 106 -22.98 22.86 4.66
CA MSE B 106 -24.33 22.69 4.08
C MSE B 106 -24.41 21.93 2.73
O MSE B 106 -23.68 22.24 1.81
CB MSE B 106 -24.99 24.08 3.95
CG MSE B 106 -26.35 24.12 3.23
SE MSE B 106 -27.18 25.98 3.16
CE MSE B 106 -26.66 26.67 1.66
N ARG B 107 -25.32 20.97 2.63
CA ARG B 107 -25.74 20.34 1.36
C ARG B 107 -27.21 20.52 1.11
N ARG B 108 -27.59 20.89 -0.12
CA ARG B 108 -28.97 20.76 -0.51
C ARG B 108 -29.85 21.43 0.52
N GLY B 109 -29.37 22.52 1.13
CA GLY B 109 -30.14 23.33 2.06
C GLY B 109 -30.21 22.83 3.49
N LYS B 110 -29.63 21.66 3.77
CA LYS B 110 -29.61 21.07 5.11
C LYS B 110 -28.16 21.02 5.56
N PRO B 111 -27.87 20.71 6.85
CA PRO B 111 -26.46 20.51 7.21
C PRO B 111 -25.84 19.30 6.47
N CYS B 112 -24.57 19.38 6.11
CA CYS B 112 -23.87 18.21 5.58
C CYS B 112 -24.18 17.00 6.44
N TRP B 113 -24.10 15.81 5.86
CA TRP B 113 -24.50 14.60 6.57
C TRP B 113 -23.71 14.39 7.85
N TYR B 114 -22.39 14.55 7.81
CA TYR B 114 -21.54 14.38 8.97
C TYR B 114 -21.81 15.43 10.10
N ARG B 115 -22.50 16.52 9.76
CA ARG B 115 -22.80 17.57 10.73
C ARG B 115 -24.21 17.47 11.23
N PHE B 116 -24.91 16.38 10.93
CA PHE B 116 -26.26 16.23 11.48
C PHE B 116 -26.15 16.09 13.03
N PRO B 117 -26.97 16.82 13.77
CA PRO B 117 -26.59 16.89 15.21
C PRO B 117 -26.30 15.50 15.84
N GLY B 118 -27.04 14.47 15.41
CA GLY B 118 -26.83 13.12 15.93
C GLY B 118 -26.08 12.12 15.05
N VAL B 119 -25.26 12.63 14.12
CA VAL B 119 -24.52 11.78 13.18
C VAL B 119 -23.07 11.46 13.54
N THR B 120 -22.25 12.44 13.89
CA THR B 120 -20.80 12.14 14.07
C THR B 120 -20.04 11.74 12.78
N THR B 121 -18.85 12.31 12.67
CA THR B 121 -18.00 12.16 11.49
C THR B 121 -17.66 10.73 11.18
N GLN B 122 -17.59 9.91 12.23
CA GLN B 122 -17.08 8.54 12.12
C GLN B 122 -18.05 7.56 11.47
N CYS B 123 -19.36 7.67 11.79
CA CYS B 123 -20.36 6.86 11.06
C CYS B 123 -20.57 7.41 9.68
N ALA B 124 -20.44 8.72 9.56
CA ALA B 124 -20.56 9.36 8.24
C ALA B 124 -19.62 8.73 7.21
N ILE B 125 -18.38 8.46 7.61
CA ILE B 125 -17.47 7.83 6.69
C ILE B 125 -18.10 6.53 6.24
N ASN B 126 -18.56 5.75 7.19
CA ASN B 126 -19.14 4.48 6.88
C ASN B 126 -20.54 4.56 6.18
N ASP B 127 -21.31 5.61 6.47
CA ASP B 127 -22.61 5.70 5.84
C ASP B 127 -22.32 6.01 4.36
N GLY B 128 -21.28 6.80 4.12
CA GLY B 128 -20.96 7.19 2.77
C GLY B 128 -20.67 5.93 2.01
N ILE B 129 -19.99 4.99 2.67
CA ILE B 129 -19.51 3.80 2.00
C ILE B 129 -20.70 2.87 1.77
N ILE B 130 -21.62 2.83 2.74
CA ILE B 130 -22.84 2.05 2.57
C ILE B 130 -23.57 2.47 1.29
N LEU B 131 -23.51 3.76 0.99
CA LEU B 131 -24.20 4.32 -0.19
C LEU B 131 -23.72 3.69 -1.48
N LYS B 132 -22.39 3.60 -1.64
CA LYS B 132 -21.81 2.91 -2.79
C LYS B 132 -22.25 1.46 -2.78
N SER B 133 -22.10 0.81 -1.64
CA SER B 133 -22.55 -0.55 -1.50
C SER B 133 -23.98 -0.84 -1.98
N TRP B 134 -24.94 0.01 -1.57
CA TRP B 134 -26.31 -0.06 -2.06
C TRP B 134 -26.36 -0.10 -3.57
N THR B 135 -25.54 0.71 -4.25
CA THR B 135 -25.59 0.66 -5.70
C THR B 135 -25.36 -0.75 -6.23
N GLN B 136 -24.41 -1.48 -5.66
CA GLN B 136 -24.07 -2.78 -6.21
C GLN B 136 -25.22 -3.77 -5.95
N ILE B 137 -25.86 -3.60 -4.79
CA ILE B 137 -26.98 -4.45 -4.40
C ILE B 137 -28.18 -4.28 -5.33
N MSE B 138 -28.46 -3.03 -5.67
CA MSE B 138 -29.50 -2.74 -6.62
C MSE B 138 -29.17 -3.35 -7.96
O MSE B 138 -30.03 -4.00 -8.56
CB MSE B 138 -29.60 -1.25 -6.77
CG MSE B 138 -30.11 -0.55 -5.56
SE MSE B 138 -29.81 1.38 -5.87
CE MSE B 138 -29.31 1.57 -4.37
N ALA B 139 -27.95 -3.14 -8.44
CA ALA B 139 -27.52 -3.70 -9.71
C ALA B 139 -27.83 -5.19 -9.73
N TRP B 140 -27.32 -5.88 -8.72
CA TRP B 140 -27.41 -7.33 -8.67
C TRP B 140 -28.82 -7.84 -8.45
N HIS B 141 -29.61 -7.11 -7.66
CA HIS B 141 -31.00 -7.47 -7.46
C HIS B 141 -31.89 -7.16 -8.65
N TYR B 142 -31.73 -5.98 -9.25
CA TYR B 142 -32.68 -5.60 -10.27
C TYR B 142 -32.30 -6.06 -11.66
N PHE B 143 -31.00 -6.19 -11.89
CA PHE B 143 -30.55 -6.46 -13.21
C PHE B 143 -29.97 -7.85 -13.28
N ALA B 144 -30.35 -8.70 -12.35
CA ALA B 144 -29.68 -10.00 -12.20
C ALA B 144 -29.69 -10.71 -13.53
N ASP B 145 -30.86 -10.73 -14.18
CA ASP B 145 -30.90 -11.46 -15.44
C ASP B 145 -30.77 -10.58 -16.68
N ARG B 146 -30.38 -9.31 -16.55
CA ARG B 146 -30.37 -8.47 -17.75
C ARG B 146 -29.11 -8.65 -18.56
N PRO B 147 -29.24 -8.69 -19.89
CA PRO B 147 -28.05 -8.85 -20.75
C PRO B 147 -27.02 -7.72 -20.69
N PHE B 148 -27.41 -6.55 -20.18
CA PHE B 148 -26.44 -5.47 -20.08
C PHE B 148 -25.73 -5.45 -18.69
N LEU B 149 -25.99 -6.44 -17.85
CA LEU B 149 -25.41 -6.47 -16.51
C LEU B 149 -23.87 -6.34 -16.44
N LYS B 150 -23.14 -7.10 -17.25
CA LYS B 150 -21.67 -7.02 -17.23
C LYS B 150 -21.20 -5.64 -17.71
N ASP B 151 -21.72 -5.17 -18.84
CA ASP B 151 -21.23 -3.93 -19.39
C ASP B 151 -21.53 -2.84 -18.40
N LEU B 152 -22.65 -3.00 -17.71
CA LEU B 152 -23.13 -1.97 -16.86
C LEU B 152 -22.28 -1.94 -15.64
N LEU B 153 -22.03 -3.09 -15.05
CA LEU B 153 -21.19 -3.13 -13.86
C LEU B 153 -19.74 -2.71 -14.12
N CYS B 154 -19.21 -3.05 -15.28
CA CYS B 154 -17.79 -2.78 -15.57
C CYS B 154 -17.59 -1.31 -15.87
N LEU B 155 -18.56 -0.72 -16.56
CA LEU B 155 -18.51 0.71 -16.75
C LEU B 155 -18.73 1.41 -15.43
N PHE B 156 -19.71 0.93 -14.70
CA PHE B 156 -20.00 1.55 -13.42
C PHE B 156 -18.68 1.67 -12.66
N GLN B 157 -17.89 0.59 -12.67
CA GLN B 157 -16.67 0.50 -11.90
C GLN B 157 -15.62 1.47 -12.41
N LYS B 158 -15.46 1.57 -13.72
CA LYS B 158 -14.40 2.41 -14.28
C LYS B 158 -14.70 3.87 -14.00
N VAL B 159 -15.96 4.20 -14.12
CA VAL B 159 -16.43 5.54 -13.85
C VAL B 159 -16.22 5.88 -12.39
N ASP B 160 -16.38 4.90 -11.52
CA ASP B 160 -16.23 5.15 -10.12
C ASP B 160 -14.76 5.33 -9.70
N TYR B 161 -13.89 4.44 -10.19
CA TYR B 161 -12.43 4.63 -10.12
C TYR B 161 -11.97 6.01 -10.68
N ALA B 162 -12.35 6.30 -11.92
CA ALA B 162 -12.07 7.63 -12.45
C ALA B 162 -12.48 8.74 -11.46
N THR B 163 -13.56 8.55 -10.71
CA THR B 163 -13.99 9.63 -9.87
C THR B 163 -13.05 9.75 -8.62
N ALA B 164 -12.76 8.58 -8.04
CA ALA B 164 -11.88 8.50 -6.88
C ALA B 164 -10.53 9.11 -7.18
N VAL B 165 -9.94 8.75 -8.33
CA VAL B 165 -8.71 9.37 -8.82
C VAL B 165 -8.79 10.89 -9.00
N GLY B 166 -9.87 11.36 -9.63
CA GLY B 166 -10.11 12.78 -9.78
C GLY B 166 -10.20 13.42 -8.40
N GLN B 167 -10.89 12.77 -7.46
CA GLN B 167 -10.95 13.37 -6.13
C GLN B 167 -9.55 13.43 -5.49
N MSE B 168 -8.59 12.64 -5.96
CA MSE B 168 -7.26 12.75 -5.41
C MSE B 168 -6.55 13.96 -5.98
O MSE B 168 -5.94 14.77 -5.25
CB MSE B 168 -6.41 11.55 -5.65
CG MSE B 168 -4.97 11.85 -5.17
SE MSE B 168 -3.78 10.94 -6.31
CE MSE B 168 -2.54 10.27 -5.19
N TYR B 169 -6.64 14.09 -7.30
CA TYR B 169 -6.16 15.30 -7.94
C TYR B 169 -6.81 16.47 -7.21
N ASP B 170 -8.10 16.34 -6.90
CA ASP B 170 -8.76 17.48 -6.34
C ASP B 170 -8.22 17.78 -4.98
N VAL B 171 -8.07 16.76 -4.19
CA VAL B 171 -7.93 16.98 -2.77
C VAL B 171 -6.49 17.42 -2.43
N THR B 172 -5.58 17.24 -3.37
CA THR B 172 -4.18 17.63 -3.20
C THR B 172 -3.76 18.73 -4.20
N SER B 173 -4.71 19.52 -4.67
CA SER B 173 -4.44 20.46 -5.76
C SER B 173 -3.68 21.73 -5.35
N MSE B 174 -3.59 21.94 -4.02
CA MSE B 174 -2.81 23.03 -3.39
C MSE B 174 -1.45 22.58 -2.86
O MSE B 174 -0.76 23.31 -2.15
CB MSE B 174 -3.61 23.70 -2.26
CG MSE B 174 -3.75 22.90 -0.95
SE MSE B 174 -4.73 21.20 -1.17
CE MSE B 174 -6.27 21.86 -2.28
N CYS B 175 -1.08 21.35 -3.20
CA CYS B 175 0.26 20.87 -2.91
C CYS B 175 1.18 21.19 -4.09
N ASP B 176 2.45 21.35 -3.81
CA ASP B 176 3.45 21.33 -4.87
C ASP B 176 3.73 19.86 -5.23
N SER B 177 3.48 19.49 -6.50
CA SER B 177 3.81 18.16 -7.07
C SER B 177 5.14 17.58 -6.61
N ASN B 178 6.20 18.39 -6.76
CA ASN B 178 7.56 17.99 -6.41
C ASN B 178 7.69 17.68 -4.93
N LYS B 179 6.73 18.18 -4.15
CA LYS B 179 6.72 18.05 -2.69
C LYS B 179 5.84 16.89 -2.16
N LEU B 180 4.87 16.43 -2.97
CA LEU B 180 3.97 15.35 -2.56
C LEU B 180 4.73 14.16 -2.03
N ASP B 181 4.80 14.02 -0.71
CA ASP B 181 5.51 12.90 -0.15
C ASP B 181 4.88 12.48 1.17
N PRO B 182 4.37 11.23 1.22
CA PRO B 182 3.73 10.72 2.43
C PRO B 182 4.68 10.63 3.63
N GLU B 183 5.97 10.60 3.36
CA GLU B 183 6.97 10.60 4.43
C GLU B 183 7.11 11.96 5.15
N VAL B 184 6.82 13.04 4.46
CA VAL B 184 7.24 14.37 4.86
C VAL B 184 6.03 15.32 4.94
N ALA B 185 5.93 16.04 6.06
CA ALA B 185 4.86 17.01 6.32
C ALA B 185 4.67 18.03 5.19
N GLN B 186 3.39 18.24 4.85
CA GLN B 186 2.92 18.80 3.57
C GLN B 186 2.55 20.30 3.62
N PRO B 187 3.52 21.21 3.41
CA PRO B 187 3.10 22.64 3.36
C PRO B 187 2.38 23.01 2.06
N MSE B 188 1.38 23.87 2.17
CA MSE B 188 0.61 24.29 1.01
C MSE B 188 1.54 24.98 -0.01
O MSE B 188 2.72 25.24 0.29
CB MSE B 188 -0.53 25.20 1.49
CG MSE B 188 -1.07 26.17 0.45
SE MSE B 188 -2.47 27.37 1.13
CE MSE B 188 -1.42 28.52 2.55
N THR B 189 1.03 25.21 -1.21
CA THR B 189 1.82 25.83 -2.29
C THR B 189 1.92 27.36 -2.13
N THR B 190 3.11 27.92 -2.39
CA THR B 190 3.30 29.38 -2.34
C THR B 190 3.40 30.08 -3.70
N ASP B 191 3.97 29.40 -4.70
CA ASP B 191 4.01 29.95 -6.06
C ASP B 191 2.71 29.74 -6.84
N PHE B 192 1.96 28.70 -6.49
CA PHE B 192 0.72 28.38 -7.21
C PHE B 192 1.06 28.02 -8.64
N ALA B 193 2.32 27.62 -8.85
CA ALA B 193 2.81 27.31 -10.21
C ALA B 193 1.89 26.33 -10.93
N GLU B 194 1.25 25.44 -10.17
CA GLU B 194 0.39 24.38 -10.72
C GLU B 194 -1.08 24.80 -10.82
N PHE B 195 -1.32 26.09 -10.96
CA PHE B 195 -2.66 26.56 -11.20
C PHE B 195 -2.84 26.96 -12.63
N THR B 196 -2.77 25.95 -13.49
CA THR B 196 -2.75 26.14 -14.93
C THR B 196 -4.06 25.53 -15.49
N PRO B 197 -4.52 25.96 -16.69
CA PRO B 197 -5.64 25.29 -17.36
C PRO B 197 -5.48 23.80 -17.47
N ALA B 198 -4.28 23.35 -17.80
CA ALA B 198 -4.09 21.94 -18.02
C ALA B 198 -4.28 21.17 -16.70
N ILE B 199 -3.69 21.65 -15.63
CA ILE B 199 -3.82 20.92 -14.39
C ILE B 199 -5.28 20.95 -13.96
N TYR B 200 -5.89 22.12 -14.02
CA TYR B 200 -7.31 22.24 -13.78
C TYR B 200 -8.19 21.28 -14.61
N LYS B 201 -8.00 21.21 -15.93
CA LYS B 201 -8.82 20.29 -16.78
C LYS B 201 -8.74 18.85 -16.30
N ARG B 202 -7.56 18.45 -15.85
CA ARG B 202 -7.31 17.10 -15.42
C ARG B 202 -8.08 16.78 -14.14
N ILE B 203 -8.21 17.74 -13.22
CA ILE B 203 -8.95 17.46 -12.00
C ILE B 203 -10.40 17.21 -12.33
N VAL B 204 -10.91 17.94 -13.31
CA VAL B 204 -12.34 18.10 -13.50
C VAL B 204 -12.84 16.93 -14.35
N LYS B 205 -12.09 16.69 -15.41
CA LYS B 205 -12.22 15.53 -16.23
C LYS B 205 -12.48 14.31 -15.38
N TYR B 206 -11.70 14.13 -14.34
CA TYR B 206 -11.78 12.88 -13.60
C TYR B 206 -12.75 12.93 -12.44
N LYS B 207 -12.75 14.02 -11.70
CA LYS B 207 -13.55 14.06 -10.51
C LYS B 207 -15.05 14.21 -10.85
N THR B 208 -15.36 14.75 -12.03
CA THR B 208 -16.76 15.05 -12.35
C THR B 208 -17.38 14.49 -13.67
N THR B 209 -16.63 14.53 -14.75
CA THR B 209 -17.32 14.42 -16.00
C THR B 209 -17.78 12.99 -16.24
N PHE B 210 -17.02 12.05 -15.74
CA PHE B 210 -17.38 10.64 -15.91
C PHE B 210 -18.70 10.26 -15.29
N TYR B 211 -18.85 10.52 -14.00
CA TYR B 211 -20.03 10.10 -13.28
C TYR B 211 -21.20 11.03 -13.49
N THR B 212 -20.93 12.29 -13.84
CA THR B 212 -22.03 13.19 -14.05
C THR B 212 -22.56 13.16 -15.46
N TYR B 213 -21.73 12.94 -16.45
CA TYR B 213 -22.31 12.95 -17.77
C TYR B 213 -22.14 11.65 -18.54
N LEU B 214 -20.96 11.03 -18.49
CA LEU B 214 -20.74 9.82 -19.24
C LEU B 214 -21.70 8.70 -18.75
N LEU B 215 -21.61 8.42 -17.45
CA LEU B 215 -22.40 7.38 -16.80
C LEU B 215 -23.92 7.52 -17.08
N PRO B 216 -24.57 8.67 -16.71
CA PRO B 216 -26.01 8.72 -17.02
C PRO B 216 -26.27 8.38 -18.47
N LEU B 217 -25.47 8.96 -19.36
CA LEU B 217 -25.77 8.86 -20.76
C LEU B 217 -25.75 7.40 -21.28
N VAL B 218 -24.66 6.69 -20.99
CA VAL B 218 -24.51 5.33 -21.41
C VAL B 218 -25.45 4.42 -20.68
N MSE B 219 -25.87 4.82 -19.50
CA MSE B 219 -26.71 3.97 -18.71
C MSE B 219 -28.05 3.91 -19.44
O MSE B 219 -28.66 2.85 -19.55
CB MSE B 219 -26.86 4.51 -17.30
CG MSE B 219 -27.93 3.76 -16.50
SE MSE B 219 -27.28 2.15 -15.71
CE MSE B 219 -26.51 3.16 -14.19
N GLY B 220 -28.45 5.07 -19.98
CA GLY B 220 -29.70 5.19 -20.69
C GLY B 220 -29.65 4.28 -21.89
N LEU B 221 -28.46 4.13 -22.44
CA LEU B 221 -28.28 3.31 -23.62
C LEU B 221 -28.25 1.84 -23.22
N PHE B 222 -27.62 1.54 -22.10
CA PHE B 222 -27.47 0.19 -21.71
C PHE B 222 -28.85 -0.42 -21.47
N VAL B 223 -29.65 0.25 -20.64
CA VAL B 223 -30.98 -0.22 -20.26
C VAL B 223 -31.87 -0.23 -21.49
N SER B 224 -31.55 0.66 -22.43
CA SER B 224 -32.24 0.72 -23.69
C SER B 224 -31.77 -0.32 -24.68
N GLU B 225 -30.71 -1.05 -24.33
CA GLU B 225 -30.11 -1.95 -25.32
C GLU B 225 -29.85 -1.17 -26.60
N ALA B 226 -29.22 0.00 -26.51
CA ALA B 226 -29.04 0.85 -27.69
C ALA B 226 -27.63 1.41 -27.90
N ALA B 227 -26.65 0.91 -27.16
CA ALA B 227 -25.24 1.34 -27.37
C ALA B 227 -24.79 1.25 -28.84
N ALA B 228 -25.32 0.26 -29.57
CA ALA B 228 -24.93 0.00 -30.97
C ALA B 228 -25.28 1.15 -31.91
N SER B 229 -26.34 1.86 -31.54
CA SER B 229 -26.87 2.86 -32.39
C SER B 229 -26.30 4.28 -32.11
N VAL B 230 -25.13 4.36 -31.44
CA VAL B 230 -24.42 5.65 -31.31
C VAL B 230 -22.93 5.45 -31.52
N GLU B 231 -22.23 6.57 -31.64
CA GLU B 231 -20.81 6.62 -31.82
C GLU B 231 -20.16 6.93 -30.46
N MSE B 232 -19.73 5.88 -29.75
CA MSE B 232 -19.24 6.02 -28.38
C MSE B 232 -18.25 7.21 -28.24
O MSE B 232 -18.42 8.06 -27.34
CB MSE B 232 -18.66 4.68 -27.85
CG MSE B 232 -18.60 4.52 -26.30
SE MSE B 232 -20.29 5.12 -25.37
CE MSE B 232 -21.45 3.73 -26.02
N ASN B 233 -17.25 7.28 -29.11
CA ASN B 233 -16.34 8.41 -29.11
C ASN B 233 -17.05 9.79 -29.01
N LEU B 234 -18.16 9.91 -29.72
CA LEU B 234 -18.95 11.16 -29.71
C LEU B 234 -19.57 11.36 -28.34
N VAL B 235 -20.05 10.26 -27.75
CA VAL B 235 -20.65 10.32 -26.43
C VAL B 235 -19.59 10.71 -25.43
N GLU B 236 -18.42 10.10 -25.52
CA GLU B 236 -17.32 10.45 -24.65
C GLU B 236 -16.89 11.91 -24.77
N ARG B 237 -16.65 12.41 -25.98
CA ARG B 237 -16.30 13.83 -26.15
C ARG B 237 -17.33 14.80 -25.58
N VAL B 238 -18.62 14.58 -25.87
CA VAL B 238 -19.65 15.51 -25.40
C VAL B 238 -19.82 15.46 -23.88
N ALA B 239 -19.54 14.30 -23.29
CA ALA B 239 -19.77 14.17 -21.87
C ALA B 239 -18.63 14.85 -21.15
N HIS B 240 -17.43 14.80 -21.73
CA HIS B 240 -16.30 15.48 -21.15
C HIS B 240 -16.44 16.99 -21.27
N LEU B 241 -16.95 17.45 -22.38
CA LEU B 241 -17.14 18.86 -22.55
C LEU B 241 -18.20 19.39 -21.59
N ILE B 242 -19.38 18.82 -21.61
CA ILE B 242 -20.46 19.41 -20.81
C ILE B 242 -20.11 19.27 -19.35
N GLY B 243 -19.45 18.16 -19.03
CA GLY B 243 -19.05 17.87 -17.65
C GLY B 243 -18.10 18.90 -17.09
N GLU B 244 -17.30 19.49 -17.96
CA GLU B 244 -16.27 20.43 -17.55
C GLU B 244 -16.90 21.77 -17.28
N TYR B 245 -17.77 22.16 -18.19
CA TYR B 245 -18.62 23.30 -18.01
C TYR B 245 -19.41 23.22 -16.69
N PHE B 246 -19.98 22.06 -16.42
CA PHE B 246 -20.73 21.82 -15.19
C PHE B 246 -19.85 22.11 -13.97
N GLN B 247 -18.66 21.55 -13.93
CA GLN B 247 -17.78 21.79 -12.80
C GLN B 247 -17.33 23.24 -12.73
N VAL B 248 -17.26 23.92 -13.88
CA VAL B 248 -16.89 25.35 -13.94
C VAL B 248 -18.01 26.22 -13.33
N GLN B 249 -19.26 25.94 -13.71
CA GLN B 249 -20.40 26.63 -13.09
C GLN B 249 -20.26 26.50 -11.58
N ASP B 250 -20.02 25.26 -11.14
CA ASP B 250 -19.92 24.94 -9.72
C ASP B 250 -18.77 25.72 -9.05
N ASP B 251 -17.64 25.86 -9.74
CA ASP B 251 -16.59 26.67 -9.12
C ASP B 251 -17.05 28.13 -9.01
N VAL B 252 -17.68 28.62 -10.07
CA VAL B 252 -18.14 29.98 -10.08
C VAL B 252 -19.16 30.20 -8.97
N MSE B 253 -20.09 29.27 -8.85
CA MSE B 253 -21.15 29.38 -7.87
C MSE B 253 -20.63 29.34 -6.46
O MSE B 253 -21.15 30.07 -5.62
CB MSE B 253 -22.24 28.36 -8.11
CG MSE B 253 -22.99 28.62 -9.41
SE MSE B 253 -24.35 27.28 -9.71
CE MSE B 253 -23.46 25.69 -9.48
N ASP B 254 -19.60 28.53 -6.22
CA ASP B 254 -18.98 28.42 -4.88
C ASP B 254 -18.71 29.82 -4.30
N CYS B 255 -18.27 30.72 -5.17
CA CYS B 255 -17.94 32.06 -4.78
C CYS B 255 -19.13 33.03 -4.87
N PHE B 256 -19.90 33.00 -5.96
CA PHE B 256 -20.89 34.07 -6.20
C PHE B 256 -22.39 33.75 -6.07
N THR B 257 -22.78 32.50 -5.94
CA THR B 257 -24.20 32.25 -5.68
C THR B 257 -24.37 32.22 -4.17
N PRO B 258 -25.29 33.05 -3.66
CA PRO B 258 -25.38 33.04 -2.19
C PRO B 258 -25.86 31.69 -1.63
N PRO B 259 -25.40 31.32 -0.44
CA PRO B 259 -25.88 30.07 0.16
C PRO B 259 -27.39 29.86 -0.01
N GLU B 260 -28.18 30.92 0.09
CA GLU B 260 -29.61 30.72 0.23
C GLU B 260 -30.22 30.26 -1.08
N GLN B 261 -29.69 30.70 -2.20
CA GLN B 261 -30.09 30.20 -3.52
C GLN B 261 -29.37 28.87 -3.84
N LEU B 262 -28.10 28.77 -3.44
CA LEU B 262 -27.24 27.62 -3.78
C LEU B 262 -27.57 26.30 -3.07
N GLY B 263 -27.94 26.36 -1.80
CA GLY B 263 -28.22 25.14 -1.06
C GLY B 263 -26.95 24.59 -0.41
N LYS B 264 -25.80 25.20 -0.73
CA LYS B 264 -24.51 24.88 -0.05
C LYS B 264 -23.66 26.13 0.28
N VAL B 265 -22.72 26.02 1.22
CA VAL B 265 -21.82 27.13 1.53
C VAL B 265 -20.42 26.88 0.90
N GLY B 266 -19.99 27.77 0.00
CA GLY B 266 -18.66 27.70 -0.58
C GLY B 266 -17.49 27.52 0.38
N THR B 267 -16.50 26.71 -0.04
CA THR B 267 -15.25 26.51 0.73
C THR B 267 -14.00 26.49 -0.14
N ASP B 268 -14.14 26.64 -1.45
CA ASP B 268 -13.00 26.54 -2.32
C ASP B 268 -11.88 27.49 -1.89
N ILE B 269 -12.24 28.75 -1.64
CA ILE B 269 -11.23 29.76 -1.34
C ILE B 269 -10.53 29.43 -0.05
N GLU B 270 -11.34 29.15 0.99
CA GLU B 270 -10.87 28.67 2.30
C GLU B 270 -10.01 27.43 2.18
N ASP B 271 -10.33 26.56 1.22
CA ASP B 271 -9.68 25.27 1.01
C ASP B 271 -8.44 25.29 0.08
N ALA B 272 -8.20 26.46 -0.54
CA ALA B 272 -7.06 26.67 -1.42
C ALA B 272 -7.18 25.79 -2.66
N LYS B 273 -8.39 25.64 -3.15
CA LYS B 273 -8.66 24.76 -4.28
C LYS B 273 -8.22 25.36 -5.58
N CYS B 274 -7.77 24.48 -6.45
CA CYS B 274 -7.49 24.83 -7.81
C CYS B 274 -8.81 24.96 -8.55
N SER B 275 -9.48 26.09 -8.36
CA SER B 275 -10.79 26.28 -8.93
C SER B 275 -10.61 27.07 -10.21
N TRP B 276 -11.65 27.00 -11.04
CA TRP B 276 -11.69 27.68 -12.29
C TRP B 276 -11.48 29.15 -12.09
N LEU B 277 -11.97 29.69 -10.99
CA LEU B 277 -11.82 31.14 -10.73
C LEU B 277 -10.35 31.46 -10.41
N ALA B 278 -9.76 30.69 -9.49
CA ALA B 278 -8.37 30.88 -9.13
C ALA B 278 -7.53 30.78 -10.39
N VAL B 279 -7.74 29.70 -11.14
CA VAL B 279 -6.95 29.48 -12.32
C VAL B 279 -7.14 30.62 -13.28
N THR B 280 -8.38 31.03 -13.50
CA THR B 280 -8.64 32.11 -14.47
C THR B 280 -8.05 33.42 -13.99
N PHE B 281 -8.09 33.65 -12.69
CA PHE B 281 -7.56 34.87 -12.12
C PHE B 281 -6.05 34.89 -12.29
N LEU B 282 -5.40 33.86 -11.75
CA LEU B 282 -3.95 33.78 -11.85
C LEU B 282 -3.48 33.88 -13.30
N GLY B 283 -4.38 33.58 -14.26
CA GLY B 283 -4.07 33.68 -15.68
C GLY B 283 -4.08 35.09 -16.24
N LYS B 284 -4.46 36.09 -15.44
CA LYS B 284 -4.71 37.41 -16.00
C LYS B 284 -4.32 38.57 -15.07
N ALA B 285 -4.03 38.21 -13.83
CA ALA B 285 -3.74 39.10 -12.73
C ALA B 285 -2.41 39.78 -12.91
N ASN B 286 -2.24 40.99 -12.36
CA ASN B 286 -0.95 41.69 -12.45
C ASN B 286 -0.11 41.42 -11.20
N ALA B 287 1.08 41.99 -11.12
CA ALA B 287 2.00 41.63 -10.00
C ALA B 287 1.37 41.98 -8.67
N ALA B 288 0.76 43.17 -8.58
CA ALA B 288 0.15 43.59 -7.33
C ALA B 288 -0.94 42.57 -6.97
N GLN B 289 -1.80 42.28 -7.96
CA GLN B 289 -2.91 41.34 -7.81
C GLN B 289 -2.47 39.95 -7.43
N VAL B 290 -1.56 39.32 -8.19
CA VAL B 290 -1.02 38.02 -7.76
C VAL B 290 -0.61 38.08 -6.28
N ALA B 291 -0.01 39.18 -5.83
CA ALA B 291 0.63 39.17 -4.49
C ALA B 291 -0.37 39.18 -3.33
N GLU B 292 -1.42 39.99 -3.49
CA GLU B 292 -2.50 40.09 -2.55
C GLU B 292 -3.25 38.74 -2.48
N PHE B 293 -3.52 38.18 -3.66
CA PHE B 293 -4.07 36.84 -3.75
C PHE B 293 -3.20 35.81 -3.01
N LYS B 294 -1.89 35.84 -3.20
CA LYS B 294 -1.04 34.92 -2.45
C LYS B 294 -1.12 35.15 -0.93
N ALA B 295 -1.47 36.37 -0.52
CA ALA B 295 -1.47 36.69 0.91
C ALA B 295 -2.80 36.33 1.60
N ASN B 296 -3.78 35.87 0.81
CA ASN B 296 -5.14 35.74 1.30
C ASN B 296 -5.85 34.43 0.98
N TYR B 297 -5.36 33.73 -0.04
CA TYR B 297 -5.96 32.48 -0.46
C TYR B 297 -5.62 31.38 0.52
N GLY B 298 -6.55 30.46 0.74
CA GLY B 298 -6.38 29.28 1.59
C GLY B 298 -6.43 29.57 3.07
N ASP B 299 -7.37 30.41 3.51
CA ASP B 299 -7.48 30.68 4.95
C ASP B 299 -8.92 30.90 5.34
N LYS B 300 -9.33 30.28 6.44
CA LYS B 300 -10.76 30.34 6.89
C LYS B 300 -11.22 31.75 7.28
N ASP B 301 -10.28 32.58 7.75
CA ASP B 301 -10.53 33.97 8.11
C ASP B 301 -11.40 34.68 7.08
N PRO B 302 -12.64 35.06 7.48
CA PRO B 302 -13.61 35.71 6.57
C PRO B 302 -13.15 37.02 5.95
N ALA B 303 -12.16 37.67 6.57
CA ALA B 303 -11.68 38.94 6.02
C ALA B 303 -10.74 38.70 4.80
N LYS B 304 -9.88 37.70 4.94
CA LYS B 304 -9.07 37.19 3.83
C LYS B 304 -9.94 36.63 2.69
N VAL B 305 -10.88 35.77 3.04
CA VAL B 305 -11.77 35.20 2.02
C VAL B 305 -12.29 36.34 1.20
N ALA B 306 -12.63 37.42 1.89
CA ALA B 306 -13.37 38.53 1.33
C ALA B 306 -12.49 39.29 0.39
N VAL B 307 -11.18 39.25 0.65
CA VAL B 307 -10.18 39.96 -0.14
C VAL B 307 -10.00 39.25 -1.47
N VAL B 308 -9.97 37.92 -1.43
CA VAL B 308 -10.00 37.11 -2.66
C VAL B 308 -11.24 37.44 -3.52
N LYS B 309 -12.39 37.67 -2.87
CA LYS B 309 -13.63 37.88 -3.63
C LYS B 309 -13.67 39.22 -4.28
N ARG B 310 -13.10 40.20 -3.59
CA ARG B 310 -12.99 41.55 -4.12
C ARG B 310 -12.12 41.45 -5.40
N LEU B 311 -10.96 40.80 -5.26
CA LEU B 311 -10.06 40.55 -6.41
C LEU B 311 -10.69 39.78 -7.59
N TYR B 312 -11.52 38.79 -7.29
CA TYR B 312 -12.27 38.13 -8.34
C TYR B 312 -13.16 39.13 -9.08
N SER B 313 -13.88 39.98 -8.32
CA SER B 313 -14.78 41.01 -8.86
C SER B 313 -14.00 42.00 -9.69
N GLU B 314 -12.91 42.50 -9.12
CA GLU B 314 -12.11 43.48 -9.83
C GLU B 314 -11.59 42.89 -11.12
N ALA B 315 -11.25 41.59 -11.11
CA ALA B 315 -10.71 40.92 -12.30
C ALA B 315 -11.71 40.63 -13.43
N ASN B 316 -12.96 41.02 -13.27
CA ASN B 316 -13.93 40.84 -14.34
C ASN B 316 -14.07 39.36 -14.74
N LEU B 317 -14.13 38.49 -13.76
CA LEU B 317 -14.11 37.05 -14.04
C LEU B 317 -15.40 36.54 -14.64
N GLN B 318 -16.52 37.17 -14.27
CA GLN B 318 -17.83 36.82 -14.82
C GLN B 318 -17.78 36.86 -16.33
N ALA B 319 -17.03 37.82 -16.86
CA ALA B 319 -16.97 37.98 -18.29
C ALA B 319 -16.04 36.97 -19.01
N ASP B 320 -14.96 36.52 -18.35
CA ASP B 320 -14.15 35.44 -18.95
C ASP B 320 -14.99 34.18 -19.05
N PHE B 321 -15.84 33.98 -18.05
CA PHE B 321 -16.70 32.85 -18.02
C PHE B 321 -17.68 32.85 -19.19
N ALA B 322 -18.39 33.96 -19.37
CA ALA B 322 -19.34 34.04 -20.49
C ALA B 322 -18.66 33.75 -21.82
N ALA B 323 -17.44 34.25 -22.00
CA ALA B 323 -16.62 33.86 -23.13
C ALA B 323 -16.45 32.33 -23.19
N TYR B 324 -16.02 31.74 -22.06
CA TYR B 324 -15.88 30.27 -21.99
C TYR B 324 -17.19 29.57 -22.34
N GLU B 325 -18.27 30.02 -21.72
CA GLU B 325 -19.59 29.51 -22.00
C GLU B 325 -19.85 29.53 -23.49
N ALA B 326 -19.62 30.65 -24.16
CA ALA B 326 -20.01 30.74 -25.57
C ALA B 326 -19.22 29.80 -26.45
N GLU B 327 -17.94 29.60 -26.14
CA GLU B 327 -17.12 28.63 -26.85
C GLU B 327 -17.63 27.17 -26.63
N VAL B 328 -18.10 26.90 -25.42
CA VAL B 328 -18.62 25.58 -25.08
C VAL B 328 -19.90 25.37 -25.86
N VAL B 329 -20.74 26.41 -25.89
CA VAL B 329 -21.98 26.38 -26.65
C VAL B 329 -21.70 25.91 -28.06
N ARG B 330 -20.75 26.60 -28.71
CA ARG B 330 -20.35 26.27 -30.07
C ARG B 330 -19.98 24.80 -30.19
N GLU B 331 -19.21 24.30 -29.22
CA GLU B 331 -18.65 22.95 -29.33
C GLU B 331 -19.71 21.94 -29.02
N VAL B 332 -20.59 22.27 -28.08
CA VAL B 332 -21.65 21.35 -27.73
C VAL B 332 -22.57 21.17 -28.92
N GLU B 333 -23.01 22.27 -29.52
CA GLU B 333 -23.92 22.20 -30.67
C GLU B 333 -23.26 21.39 -31.77
N SER B 334 -21.96 21.55 -31.90
CA SER B 334 -21.23 20.81 -32.90
C SER B 334 -21.26 19.31 -32.65
N LEU B 335 -21.11 18.92 -31.39
CA LEU B 335 -21.17 17.50 -31.06
C LEU B 335 -22.59 16.95 -31.22
N ILE B 336 -23.60 17.78 -30.96
CA ILE B 336 -24.97 17.37 -31.05
C ILE B 336 -25.32 17.12 -32.52
N GLU B 337 -24.90 18.06 -33.37
CA GLU B 337 -24.96 17.93 -34.80
C GLU B 337 -24.35 16.62 -35.25
N GLN B 338 -23.10 16.32 -34.88
CA GLN B 338 -22.47 15.02 -35.18
C GLN B 338 -23.22 13.80 -34.63
N LEU B 339 -23.82 13.91 -33.44
CA LEU B 339 -24.64 12.81 -32.98
C LEU B 339 -25.94 12.67 -33.77
N LYS B 340 -26.39 13.68 -34.49
CA LYS B 340 -27.61 13.47 -35.23
C LYS B 340 -27.41 12.40 -36.30
N VAL B 341 -26.17 12.22 -36.77
CA VAL B 341 -25.94 11.27 -37.86
C VAL B 341 -26.49 9.88 -37.53
N LYS B 342 -26.00 9.27 -36.45
CA LYS B 342 -26.44 7.92 -36.09
C LYS B 342 -27.72 7.92 -35.25
N SER B 343 -27.79 8.71 -34.20
CA SER B 343 -28.95 8.68 -33.35
C SER B 343 -29.55 10.06 -33.21
N PRO B 344 -30.49 10.37 -34.07
CA PRO B 344 -31.11 11.67 -33.85
C PRO B 344 -31.70 11.83 -32.45
N THR B 345 -32.26 10.75 -31.89
CA THR B 345 -32.92 10.85 -30.58
C THR B 345 -31.96 11.00 -29.43
N PHE B 346 -30.85 10.27 -29.47
CA PHE B 346 -29.83 10.46 -28.49
C PHE B 346 -29.37 11.92 -28.52
N ALA B 347 -29.11 12.40 -29.73
CA ALA B 347 -28.75 13.76 -30.02
C ALA B 347 -29.71 14.72 -29.31
N GLU B 348 -31.01 14.53 -29.55
CA GLU B 348 -32.03 15.38 -28.90
C GLU B 348 -31.93 15.32 -27.34
N SER B 349 -31.79 14.10 -26.80
CA SER B 349 -31.54 13.89 -25.36
C SER B 349 -30.36 14.70 -24.86
N VAL B 350 -29.30 14.73 -25.64
CA VAL B 350 -28.16 15.49 -25.26
C VAL B 350 -28.52 16.97 -25.27
N ALA B 351 -29.38 17.39 -26.20
CA ALA B 351 -29.71 18.82 -26.28
C ALA B 351 -30.46 19.24 -25.03
N VAL B 352 -31.34 18.37 -24.58
CA VAL B 352 -32.12 18.62 -23.41
C VAL B 352 -31.21 18.68 -22.18
N VAL B 353 -30.36 17.67 -22.04
CA VAL B 353 -29.37 17.65 -20.98
C VAL B 353 -28.48 18.87 -20.99
N TRP B 354 -28.05 19.29 -22.18
CA TRP B 354 -27.29 20.52 -22.33
C TRP B 354 -28.12 21.76 -21.91
N GLU B 355 -29.38 21.83 -22.31
CA GLU B 355 -30.17 22.99 -22.03
C GLU B 355 -30.32 23.16 -20.53
N LYS B 356 -30.81 22.12 -19.87
CA LYS B 356 -30.96 22.12 -18.41
C LYS B 356 -29.68 22.60 -17.73
N THR B 357 -28.56 22.05 -18.17
CA THR B 357 -27.26 22.26 -17.54
C THR B 357 -26.85 23.71 -17.68
N HIS B 358 -26.94 24.19 -18.91
CA HIS B 358 -26.71 25.55 -19.36
C HIS B 358 -27.48 26.58 -18.54
N LYS B 359 -28.74 26.32 -18.25
CA LYS B 359 -29.45 27.32 -17.46
C LYS B 359 -29.79 26.96 -16.03
N ARG B 360 -29.11 25.96 -15.49
CA ARG B 360 -29.16 25.81 -14.04
C ARG B 360 -28.64 27.12 -13.41
N LYS B 361 -29.20 27.47 -12.26
CA LYS B 361 -28.81 28.61 -11.46
C LYS B 361 -28.53 28.01 -10.09
N LYS B 362 -28.07 26.75 -10.14
CA LYS B 362 -28.49 25.59 -9.32
C LYS B 362 -29.49 25.75 -8.16
N MSE C 1 7.28 -6.33 -0.22
CA MSE C 1 7.49 -6.90 -1.57
C MSE C 1 7.24 -8.37 -1.43
O MSE C 1 6.23 -8.78 -0.86
CB MSE C 1 8.94 -6.68 -2.10
CG MSE C 1 9.21 -7.16 -3.60
SE MSE C 1 11.09 -7.85 -4.14
CE MSE C 1 10.77 -8.69 -6.02
N ALA C 2 8.28 -9.08 -1.93
CA ALA C 2 8.34 -10.49 -2.41
C ALA C 2 9.81 -10.77 -2.42
N SER C 3 10.22 -11.98 -2.86
CA SER C 3 11.62 -12.35 -3.28
C SER C 3 12.79 -12.10 -2.28
N MSE C 4 12.91 -10.85 -1.82
CA MSE C 4 13.55 -10.53 -0.56
C MSE C 4 13.09 -11.47 0.51
O MSE C 4 13.77 -11.68 1.50
CB MSE C 4 13.14 -9.13 -0.12
CG MSE C 4 13.57 -8.78 1.31
SE MSE C 4 15.56 -8.91 1.56
CE MSE C 4 16.11 -7.47 0.36
N GLU C 5 11.90 -12.04 0.31
CA GLU C 5 11.26 -12.79 1.36
C GLU C 5 11.63 -14.22 1.21
N ARG C 6 11.81 -14.65 -0.01
CA ARG C 6 12.30 -15.99 -0.20
C ARG C 6 13.65 -16.02 0.50
N PHE C 7 14.44 -14.95 0.30
CA PHE C 7 15.78 -14.81 0.89
C PHE C 7 15.76 -14.83 2.42
N LEU C 8 14.89 -14.04 3.02
CA LEU C 8 14.77 -14.06 4.49
C LEU C 8 14.30 -15.40 4.97
N SER C 9 13.33 -15.98 4.28
CA SER C 9 12.80 -17.25 4.76
C SER C 9 13.86 -18.34 4.74
N VAL C 10 14.81 -18.24 3.80
CA VAL C 10 15.88 -19.24 3.70
C VAL C 10 16.86 -19.13 4.87
N TYR C 11 17.11 -17.89 5.29
CA TYR C 11 17.86 -17.62 6.53
C TYR C 11 17.33 -18.47 7.70
N ASP C 12 16.01 -18.43 7.88
CA ASP C 12 15.36 -19.20 8.94
C ASP C 12 15.71 -20.67 8.90
N GLU C 13 15.58 -21.32 7.73
CA GLU C 13 15.89 -22.77 7.71
C GLU C 13 17.35 -23.02 7.93
N VAL C 14 18.18 -22.14 7.39
CA VAL C 14 19.61 -22.19 7.64
C VAL C 14 19.91 -21.99 9.11
N GLN C 15 19.41 -20.90 9.71
CA GLN C 15 19.55 -20.72 11.17
C GLN C 15 19.06 -21.93 11.96
N ALA C 16 17.81 -22.32 11.73
CA ALA C 16 17.24 -23.52 12.35
C ALA C 16 18.21 -24.66 12.18
N PHE C 17 18.72 -24.87 10.97
CA PHE C 17 19.65 -26.00 10.74
C PHE C 17 20.97 -25.86 11.52
N LEU C 18 21.47 -24.62 11.58
CA LEU C 18 22.73 -24.44 12.24
C LEU C 18 22.57 -24.78 13.71
N LEU C 19 21.49 -24.29 14.33
CA LEU C 19 21.31 -24.46 15.79
C LEU C 19 20.91 -25.86 16.23
N ASP C 20 20.06 -26.49 15.43
CA ASP C 20 19.65 -27.85 15.64
C ASP C 20 20.88 -28.72 15.64
N GLN C 21 21.79 -28.46 14.72
CA GLN C 21 23.01 -29.26 14.71
C GLN C 21 23.91 -28.96 15.92
N LEU C 22 23.97 -27.71 16.32
CA LEU C 22 24.70 -27.40 17.54
C LEU C 22 24.13 -28.22 18.68
N GLN C 23 22.81 -28.29 18.70
CA GLN C 23 22.07 -29.00 19.71
C GLN C 23 22.27 -30.55 19.61
N SER C 24 22.01 -31.15 18.46
CA SER C 24 22.15 -32.60 18.39
C SER C 24 23.58 -33.15 18.20
N LYS C 25 24.50 -32.37 17.62
CA LYS C 25 25.79 -32.97 17.32
C LYS C 25 26.97 -32.33 18.06
N TYR C 26 26.75 -31.15 18.64
CA TYR C 26 27.83 -30.44 19.33
C TYR C 26 27.56 -30.25 20.82
N GLU C 27 26.50 -30.91 21.28
CA GLU C 27 26.09 -30.99 22.70
C GLU C 27 25.81 -29.65 23.33
N ILE C 28 25.43 -28.66 22.55
CA ILE C 28 25.25 -27.30 23.04
C ILE C 28 24.13 -27.17 24.05
N ASP C 29 24.29 -26.26 25.00
CA ASP C 29 23.26 -26.00 25.98
C ASP C 29 22.32 -24.88 25.46
N PRO C 30 21.03 -24.98 25.80
CA PRO C 30 20.05 -23.97 25.36
C PRO C 30 20.54 -22.51 25.42
N ASN C 31 21.42 -22.18 26.36
CA ASN C 31 21.78 -20.76 26.50
C ASN C 31 22.79 -20.26 25.49
N ARG C 32 23.80 -21.09 25.24
CA ARG C 32 24.83 -20.74 24.28
C ARG C 32 24.22 -20.73 22.89
N ALA C 33 23.28 -21.65 22.67
CA ALA C 33 22.50 -21.70 21.46
C ALA C 33 21.81 -20.36 21.30
N ARG C 34 21.20 -19.89 22.39
CA ARG C 34 20.54 -18.60 22.39
C ARG C 34 21.52 -17.52 21.96
N TYR C 35 22.69 -17.50 22.59
CA TYR C 35 23.73 -16.52 22.27
C TYR C 35 24.18 -16.48 20.78
N LEU C 36 24.48 -17.66 20.24
CA LEU C 36 24.88 -17.79 18.85
C LEU C 36 23.79 -17.39 17.85
N ARG C 37 22.53 -17.68 18.22
CA ARG C 37 21.35 -17.18 17.53
C ARG C 37 21.28 -15.66 17.53
N ILE C 38 21.56 -15.04 18.68
CA ILE C 38 21.59 -13.58 18.74
C ILE C 38 22.82 -13.03 17.97
N MSE C 39 24.00 -13.64 18.16
CA MSE C 39 25.16 -13.20 17.40
C MSE C 39 24.84 -13.25 15.88
O MSE C 39 25.08 -12.27 15.16
CB MSE C 39 26.39 -14.02 17.78
CG MSE C 39 27.69 -13.57 17.17
SE MSE C 39 28.05 -14.44 15.45
CE MSE C 39 28.31 -16.18 16.11
N MSE C 40 24.25 -14.37 15.44
CA MSE C 40 23.89 -14.57 14.02
C MSE C 40 23.00 -13.44 13.47
O MSE C 40 23.34 -12.81 12.44
CB MSE C 40 23.24 -15.97 13.79
CG MSE C 40 23.12 -16.34 12.36
SE MSE C 40 22.37 -18.06 11.92
CE MSE C 40 23.29 -19.25 12.98
N ASP C 41 21.87 -13.17 14.12
CA ASP C 41 20.94 -12.13 13.70
C ASP C 41 21.63 -10.80 13.70
N THR C 42 22.37 -10.53 14.75
CA THR C 42 22.98 -9.22 14.85
C THR C 42 24.08 -9.04 13.86
N THR C 43 24.86 -10.07 13.59
CA THR C 43 25.91 -9.87 12.61
C THR C 43 25.51 -10.05 11.16
N CYS C 44 24.52 -10.90 10.83
CA CYS C 44 24.21 -11.17 9.41
C CYS C 44 22.97 -10.46 8.79
N LEU C 45 22.09 -9.89 9.61
CA LEU C 45 20.87 -9.16 9.19
C LEU C 45 20.97 -7.64 9.41
N GLY C 46 20.13 -6.89 8.71
CA GLY C 46 20.08 -5.42 8.91
C GLY C 46 20.79 -4.65 7.83
N GLY C 47 21.53 -5.37 7.00
CA GLY C 47 22.14 -4.78 5.82
C GLY C 47 21.19 -4.61 4.66
N LYS C 48 21.79 -4.22 3.53
CA LYS C 48 21.10 -4.06 2.27
C LYS C 48 20.97 -5.38 1.55
N TYR C 49 21.72 -6.38 2.00
CA TYR C 49 21.71 -7.71 1.39
C TYR C 49 22.12 -7.71 -0.07
N PHE C 50 22.80 -6.66 -0.53
CA PHE C 50 23.29 -6.62 -1.93
C PHE C 50 23.92 -7.89 -2.43
N ARG C 51 24.83 -8.44 -1.62
CA ARG C 51 25.62 -9.57 -2.05
C ARG C 51 24.79 -10.82 -2.25
N GLY C 52 24.02 -11.18 -1.22
CA GLY C 52 23.04 -12.27 -1.37
C GLY C 52 22.05 -12.01 -2.49
N MSE C 53 21.45 -10.82 -2.49
CA MSE C 53 20.41 -10.47 -3.45
C MSE C 53 20.94 -10.60 -4.86
O MSE C 53 20.26 -11.15 -5.72
CB MSE C 53 19.81 -9.09 -3.20
CG MSE C 53 18.72 -9.08 -2.14
SE MSE C 53 17.57 -10.69 -2.14
CE MSE C 53 16.41 -10.07 -3.53
N THR C 54 22.18 -10.18 -5.05
CA THR C 54 22.85 -10.31 -6.33
C THR C 54 22.89 -11.76 -6.84
N VAL C 55 23.05 -12.74 -5.95
CA VAL C 55 23.17 -14.08 -6.50
C VAL C 55 21.83 -14.62 -6.94
N VAL C 56 20.80 -14.25 -6.19
CA VAL C 56 19.42 -14.49 -6.53
C VAL C 56 18.99 -13.81 -7.85
N ASN C 57 19.26 -12.51 -7.97
CA ASN C 57 18.97 -11.82 -9.22
C ASN C 57 19.60 -12.50 -10.39
N VAL C 58 20.90 -12.79 -10.38
CA VAL C 58 21.51 -13.53 -11.46
C VAL C 58 20.73 -14.80 -11.82
N ALA C 59 20.55 -15.69 -10.84
CA ALA C 59 19.96 -16.99 -11.10
C ALA C 59 18.53 -16.87 -11.66
N GLU C 60 17.81 -15.87 -11.15
CA GLU C 60 16.48 -15.55 -11.61
C GLU C 60 16.53 -15.22 -13.09
N GLY C 61 17.43 -14.32 -13.47
CA GLY C 61 17.66 -14.01 -14.88
C GLY C 61 17.89 -15.22 -15.80
N PHE C 62 18.57 -16.24 -15.29
CA PHE C 62 18.72 -17.48 -16.03
C PHE C 62 17.50 -18.41 -15.96
N LEU C 63 16.50 -18.04 -15.16
CA LEU C 63 15.29 -18.85 -15.13
C LEU C 63 14.26 -18.26 -16.07
N ALA C 64 14.44 -17.01 -16.44
CA ALA C 64 13.58 -16.41 -17.45
C ALA C 64 13.85 -17.07 -18.81
N VAL C 65 15.12 -17.27 -19.16
CA VAL C 65 15.43 -17.78 -20.47
C VAL C 65 15.73 -19.28 -20.52
N THR C 66 15.48 -20.00 -19.43
CA THR C 66 15.69 -21.46 -19.48
C THR C 66 14.45 -22.22 -19.06
N GLN C 67 14.15 -23.22 -19.86
CA GLN C 67 13.05 -24.13 -19.62
C GLN C 67 13.40 -24.94 -18.36
N HIS C 68 12.44 -25.08 -17.44
CA HIS C 68 12.67 -25.84 -16.20
C HIS C 68 11.39 -26.33 -15.49
N ASP C 69 11.56 -27.36 -14.68
CA ASP C 69 10.57 -27.82 -13.70
C ASP C 69 9.98 -26.76 -12.75
N GLU C 70 9.07 -27.23 -11.91
CA GLU C 70 8.79 -26.56 -10.66
C GLU C 70 9.95 -26.92 -9.73
N ALA C 71 10.20 -28.22 -9.63
CA ALA C 71 11.22 -28.81 -8.78
C ALA C 71 12.58 -28.15 -9.06
N THR C 72 12.73 -27.73 -10.31
CA THR C 72 14.01 -27.29 -10.77
C THR C 72 14.10 -25.80 -10.52
N LYS C 73 13.03 -25.04 -10.82
CA LYS C 73 12.98 -23.64 -10.41
C LYS C 73 13.21 -23.50 -8.89
N GLU C 74 12.56 -24.32 -8.08
CA GLU C 74 12.69 -24.22 -6.62
C GLU C 74 14.09 -24.55 -6.11
N ARG C 75 14.65 -25.66 -6.60
CA ARG C 75 16.00 -26.07 -6.24
C ARG C 75 17.02 -24.96 -6.56
N ILE C 76 16.98 -24.49 -7.79
CA ILE C 76 17.93 -23.50 -8.24
C ILE C 76 17.84 -22.22 -7.42
N LEU C 77 16.61 -21.79 -7.12
CA LEU C 77 16.34 -20.63 -6.26
C LEU C 77 16.78 -20.86 -4.82
N HIS C 78 16.51 -22.05 -4.31
CA HIS C 78 16.94 -22.37 -2.97
C HIS C 78 18.45 -22.31 -2.89
N ASP C 79 19.11 -23.04 -3.79
CA ASP C 79 20.54 -23.02 -3.90
C ASP C 79 21.04 -21.58 -3.90
N ALA C 80 20.33 -20.71 -4.60
CA ALA C 80 20.75 -19.34 -4.84
C ALA C 80 20.77 -18.62 -3.54
N CYS C 81 19.70 -18.83 -2.77
CA CYS C 81 19.53 -18.16 -1.49
C CYS C 81 20.59 -18.55 -0.52
N VAL C 82 20.83 -19.84 -0.43
CA VAL C 82 21.86 -20.33 0.42
C VAL C 82 23.22 -19.73 0.00
N GLY C 83 23.50 -19.75 -1.32
CA GLY C 83 24.75 -19.23 -1.86
C GLY C 83 24.94 -17.79 -1.40
N GLY C 84 23.85 -17.02 -1.48
CA GLY C 84 23.82 -15.64 -1.02
C GLY C 84 24.16 -15.48 0.45
N TRP C 85 23.68 -16.42 1.25
CA TRP C 85 23.83 -16.40 2.66
C TRP C 85 25.21 -16.87 3.04
N MSE C 86 25.80 -17.72 2.23
CA MSE C 86 27.20 -18.04 2.47
C MSE C 86 28.04 -16.76 2.38
O MSE C 86 28.96 -16.59 3.14
CB MSE C 86 27.71 -19.07 1.47
CG MSE C 86 27.21 -20.44 1.68
SE MSE C 86 27.89 -21.61 0.28
CE MSE C 86 29.81 -21.48 0.49
N ILE C 87 27.70 -15.85 1.45
CA ILE C 87 28.49 -14.66 1.19
C ILE C 87 28.17 -13.58 2.21
N GLU C 88 26.89 -13.48 2.54
CA GLU C 88 26.40 -12.53 3.53
C GLU C 88 27.07 -12.90 4.85
N PHE C 89 27.27 -14.19 5.06
CA PHE C 89 27.79 -14.62 6.36
C PHE C 89 29.26 -14.35 6.27
N LEU C 90 29.79 -14.50 5.05
CA LEU C 90 31.18 -14.22 4.84
C LEU C 90 31.48 -12.75 5.13
N GLN C 91 30.59 -11.86 4.75
CA GLN C 91 30.76 -10.48 5.07
C GLN C 91 30.65 -10.21 6.54
N ALA C 92 29.70 -10.90 7.17
CA ALA C 92 29.47 -10.82 8.58
C ALA C 92 30.80 -11.04 9.31
N HIS C 93 31.47 -12.15 8.99
CA HIS C 93 32.82 -12.48 9.49
C HIS C 93 33.76 -11.31 9.29
N TYR C 94 33.87 -10.84 8.05
CA TYR C 94 34.75 -9.71 7.73
C TYR C 94 34.45 -8.47 8.60
N LEU C 95 33.17 -8.12 8.73
CA LEU C 95 32.78 -6.91 9.45
C LEU C 95 33.00 -6.99 10.96
N VAL C 96 32.74 -8.16 11.54
CA VAL C 96 32.93 -8.30 12.95
C VAL C 96 34.42 -8.08 13.26
N GLU C 97 35.29 -8.77 12.49
CA GLU C 97 36.76 -8.66 12.74
C GLU C 97 37.25 -7.24 12.36
N ASP C 98 36.71 -6.75 11.26
CA ASP C 98 37.15 -5.47 10.74
C ASP C 98 36.76 -4.30 11.67
N ASP C 99 35.60 -4.39 12.33
CA ASP C 99 35.20 -3.33 13.28
C ASP C 99 36.19 -3.22 14.45
N ILE C 100 36.58 -4.36 14.97
CA ILE C 100 37.64 -4.44 15.95
C ILE C 100 38.94 -3.88 15.40
N MSE C 101 39.32 -4.32 14.22
CA MSE C 101 40.57 -3.80 13.69
C MSE C 101 40.49 -2.29 13.47
O MSE C 101 41.50 -1.60 13.63
CB MSE C 101 40.96 -4.54 12.44
CG MSE C 101 41.34 -5.94 12.78
SE MSE C 101 41.92 -6.94 11.24
CE MSE C 101 40.32 -6.99 10.11
N ASP C 102 39.32 -1.75 13.12
CA ASP C 102 39.24 -0.33 12.84
C ASP C 102 38.85 0.54 14.06
N GLY C 103 38.76 -0.05 15.25
CA GLY C 103 38.29 0.66 16.43
C GLY C 103 36.98 1.38 16.17
N SER C 104 36.09 0.71 15.44
CA SER C 104 34.80 1.30 15.04
C SER C 104 33.75 1.17 16.17
N VAL C 105 32.75 2.06 16.19
CA VAL C 105 31.71 2.07 17.26
C VAL C 105 30.33 1.51 16.83
N MSE C 106 29.96 1.75 15.58
CA MSE C 106 28.58 1.50 15.13
C MSE C 106 28.59 0.67 13.85
O MSE C 106 29.46 0.82 13.03
CB MSE C 106 27.87 2.83 14.83
CG MSE C 106 26.41 2.97 15.28
SE MSE C 106 25.49 4.13 13.94
CE MSE C 106 26.16 5.86 14.40
N ARG C 107 27.59 -0.17 13.68
CA ARG C 107 27.45 -0.96 12.49
C ARG C 107 25.98 -1.28 12.28
N ARG C 108 25.49 -0.90 11.10
CA ARG C 108 24.12 -1.12 10.65
C ARG C 108 23.06 -0.63 11.64
N GLY C 109 23.28 0.59 12.12
CA GLY C 109 22.41 1.26 13.07
C GLY C 109 22.93 1.01 14.48
N LYS C 110 23.23 -0.26 14.75
CA LYS C 110 23.55 -0.78 16.08
C LYS C 110 25.05 -0.68 16.40
N PRO C 111 25.42 -0.68 17.70
CA PRO C 111 26.82 -0.88 18.09
C PRO C 111 27.51 -2.10 17.45
N CYS C 112 28.82 -1.97 17.26
CA CYS C 112 29.60 -3.01 16.63
C CYS C 112 29.50 -4.21 17.53
N TRP C 113 29.46 -5.40 16.92
CA TRP C 113 29.36 -6.61 17.71
C TRP C 113 30.30 -6.67 18.90
N TYR C 114 31.59 -6.39 18.69
CA TYR C 114 32.57 -6.40 19.83
C TYR C 114 32.25 -5.35 20.91
N ARG C 115 31.57 -4.27 20.54
CA ARG C 115 31.17 -3.23 21.50
C ARG C 115 29.95 -3.57 22.37
N PHE C 116 29.16 -4.59 21.99
CA PHE C 116 28.02 -5.06 22.83
C PHE C 116 28.56 -5.43 24.22
N PRO C 117 27.83 -5.05 25.29
CA PRO C 117 28.36 -5.31 26.63
C PRO C 117 28.62 -6.78 26.98
N GLY C 118 27.76 -7.70 26.54
CA GLY C 118 27.90 -9.12 26.90
C GLY C 118 28.81 -9.89 25.97
N VAL C 119 29.57 -9.17 25.16
CA VAL C 119 30.38 -9.78 24.11
C VAL C 119 31.88 -9.53 24.31
N THR C 120 32.32 -8.29 24.09
CA THR C 120 33.75 -7.92 24.25
C THR C 120 34.65 -8.51 23.16
N THR C 121 35.76 -7.82 22.87
CA THR C 121 36.74 -8.24 21.87
C THR C 121 37.08 -9.75 21.93
N GLN C 122 37.22 -10.24 23.17
CA GLN C 122 37.53 -11.63 23.49
C GLN C 122 36.60 -12.63 22.83
N CYS C 123 35.29 -12.45 23.00
CA CYS C 123 34.31 -13.35 22.33
C CYS C 123 34.13 -13.08 20.85
N ALA C 124 34.30 -11.81 20.48
CA ALA C 124 34.04 -11.36 19.13
C ALA C 124 35.00 -11.97 18.13
N ILE C 125 36.27 -12.10 18.51
CA ILE C 125 37.20 -12.76 17.61
C ILE C 125 36.68 -14.17 17.28
N ASN C 126 36.44 -14.97 18.32
CA ASN C 126 35.99 -16.31 18.04
C ASN C 126 34.68 -16.35 17.28
N ASP C 127 33.78 -15.39 17.54
CA ASP C 127 32.44 -15.40 16.92
C ASP C 127 32.59 -15.08 15.47
N GLY C 128 33.43 -14.08 15.17
CA GLY C 128 33.78 -13.74 13.80
C GLY C 128 34.16 -15.03 13.08
N ILE C 129 34.95 -15.85 13.76
CA ILE C 129 35.45 -17.05 13.16
C ILE C 129 34.36 -18.05 13.00
N ILE C 130 33.45 -18.13 13.95
CA ILE C 130 32.34 -19.09 13.78
C ILE C 130 31.48 -18.77 12.58
N LEU C 131 31.24 -17.49 12.36
CA LEU C 131 30.62 -17.03 11.13
C LEU C 131 31.19 -17.60 9.83
N LYS C 132 32.50 -17.53 9.66
CA LYS C 132 33.13 -18.02 8.42
C LYS C 132 32.91 -19.49 8.34
N SER C 133 32.98 -20.12 9.49
CA SER C 133 32.91 -21.55 9.51
C SER C 133 31.52 -22.01 9.13
N TRP C 134 30.51 -21.25 9.54
CA TRP C 134 29.13 -21.58 9.18
C TRP C 134 28.96 -21.66 7.67
N THR C 135 29.72 -20.83 6.95
CA THR C 135 29.60 -20.79 5.51
C THR C 135 30.07 -22.13 4.94
N GLN C 136 31.08 -22.73 5.59
CA GLN C 136 31.57 -23.99 5.10
C GLN C 136 30.55 -25.08 5.38
N ILE C 137 30.03 -25.11 6.61
CA ILE C 137 28.93 -26.06 6.90
C ILE C 137 27.80 -25.92 5.85
N MSE C 138 27.26 -24.71 5.69
CA MSE C 138 26.24 -24.50 4.68
C MSE C 138 26.53 -25.22 3.36
O MSE C 138 25.65 -25.94 2.84
CB MSE C 138 26.05 -23.04 4.40
CG MSE C 138 25.46 -22.35 5.55
SE MSE C 138 25.09 -20.55 5.01
CE MSE C 138 25.79 -19.91 6.62
N ALA C 139 27.72 -25.03 2.80
CA ALA C 139 28.05 -25.61 1.47
C ALA C 139 28.04 -27.14 1.48
N TRP C 140 28.70 -27.75 2.45
CA TRP C 140 28.79 -29.21 2.48
C TRP C 140 27.45 -29.86 2.71
N HIS C 141 26.56 -29.12 3.37
CA HIS C 141 25.22 -29.63 3.64
C HIS C 141 24.32 -29.39 2.44
N TYR C 142 24.05 -28.14 2.08
CA TYR C 142 23.10 -27.90 1.03
C TYR C 142 23.58 -28.32 -0.37
N PHE C 143 24.89 -28.42 -0.53
CA PHE C 143 25.44 -28.56 -1.83
C PHE C 143 26.24 -29.83 -1.91
N ALA C 144 25.94 -30.76 -1.01
CA ALA C 144 26.70 -32.00 -0.87
C ALA C 144 26.75 -32.76 -2.16
N ASP C 145 25.68 -32.64 -2.94
CA ASP C 145 25.62 -33.41 -4.16
C ASP C 145 25.42 -32.54 -5.38
N ARG C 146 25.88 -31.30 -5.34
CA ARG C 146 25.82 -30.47 -6.53
C ARG C 146 27.08 -30.62 -7.38
N PRO C 147 26.92 -30.61 -8.71
CA PRO C 147 28.09 -30.67 -9.57
C PRO C 147 29.06 -29.50 -9.35
N PHE C 148 28.54 -28.32 -9.03
CA PHE C 148 29.38 -27.13 -8.86
C PHE C 148 30.14 -27.09 -7.54
N LEU C 149 29.75 -27.95 -6.59
CA LEU C 149 30.43 -28.04 -5.31
C LEU C 149 31.96 -27.76 -5.34
N LYS C 150 32.70 -28.61 -6.06
CA LYS C 150 34.16 -28.50 -6.17
C LYS C 150 34.54 -27.06 -6.55
N ASP C 151 34.01 -26.56 -7.66
CA ASP C 151 34.39 -25.26 -8.17
C ASP C 151 33.98 -24.14 -7.22
N LEU C 152 32.93 -24.37 -6.44
CA LEU C 152 32.41 -23.37 -5.51
C LEU C 152 33.36 -23.14 -4.36
N LEU C 153 33.78 -24.23 -3.75
CA LEU C 153 34.61 -24.16 -2.55
C LEU C 153 35.94 -23.56 -2.89
N CYS C 154 36.49 -24.00 -4.02
CA CYS C 154 37.76 -23.50 -4.54
C CYS C 154 37.72 -21.98 -4.69
N LEU C 155 36.73 -21.47 -5.41
CA LEU C 155 36.56 -20.05 -5.57
C LEU C 155 36.40 -19.37 -4.24
N PHE C 156 35.59 -19.97 -3.38
CA PHE C 156 35.20 -19.34 -2.15
C PHE C 156 36.44 -19.13 -1.33
N GLN C 157 37.30 -20.15 -1.25
CA GLN C 157 38.60 -20.03 -0.54
C GLN C 157 39.53 -18.93 -1.13
N LYS C 158 39.64 -18.91 -2.46
CA LYS C 158 40.49 -17.93 -3.12
C LYS C 158 40.05 -16.49 -2.81
N VAL C 159 38.75 -16.28 -2.87
CA VAL C 159 38.13 -14.98 -2.59
C VAL C 159 38.34 -14.58 -1.13
N ASP C 160 38.27 -15.57 -0.26
CA ASP C 160 38.40 -15.33 1.14
C ASP C 160 39.84 -14.99 1.45
N TYR C 161 40.78 -15.76 0.92
CA TYR C 161 42.21 -15.39 1.01
C TYR C 161 42.48 -13.99 0.46
N ALA C 162 42.07 -13.77 -0.77
CA ALA C 162 42.28 -12.47 -1.34
C ALA C 162 41.79 -11.40 -0.36
N THR C 163 40.62 -11.60 0.21
CA THR C 163 40.07 -10.59 1.07
C THR C 163 40.93 -10.41 2.31
N ALA C 164 41.46 -11.53 2.84
CA ALA C 164 42.32 -11.49 4.02
C ALA C 164 43.59 -10.68 3.73
N VAL C 165 44.16 -10.94 2.56
CA VAL C 165 45.36 -10.24 2.11
C VAL C 165 45.05 -8.78 1.94
N GLY C 166 44.00 -8.48 1.18
CA GLY C 166 43.40 -7.15 1.13
C GLY C 166 43.30 -6.48 2.47
N GLN C 167 42.80 -7.17 3.48
CA GLN C 167 42.68 -6.60 4.83
C GLN C 167 44.04 -6.26 5.37
N MSE C 168 45.03 -7.08 5.07
CA MSE C 168 46.36 -6.79 5.55
C MSE C 168 46.92 -5.52 4.90
O MSE C 168 47.45 -4.66 5.57
CB MSE C 168 47.25 -7.98 5.32
CG MSE C 168 48.52 -7.91 6.10
SE MSE C 168 50.05 -8.19 4.91
CE MSE C 168 49.77 -6.78 3.81
N TYR C 169 46.77 -5.40 3.57
CA TYR C 169 47.17 -4.20 2.86
C TYR C 169 46.56 -3.02 3.55
N ASP C 170 45.23 -2.99 3.64
CA ASP C 170 44.49 -1.92 4.30
C ASP C 170 44.99 -1.63 5.70
N VAL C 171 45.03 -2.63 6.56
CA VAL C 171 45.30 -2.40 7.97
C VAL C 171 46.71 -1.84 8.27
N THR C 172 47.63 -2.01 7.32
CA THR C 172 49.02 -1.51 7.42
C THR C 172 49.24 -0.35 6.43
N SER C 173 48.14 0.18 5.89
CA SER C 173 48.17 1.17 4.82
C SER C 173 48.90 2.47 5.23
N MSE C 174 48.97 2.71 6.53
CA MSE C 174 49.57 3.90 7.07
C MSE C 174 51.05 3.66 7.49
O MSE C 174 51.67 4.50 8.12
CB MSE C 174 48.70 4.47 8.21
CG MSE C 174 48.64 3.67 9.52
SE MSE C 174 48.00 1.87 9.24
CE MSE C 174 46.05 2.27 9.01
N CYS C 175 51.59 2.52 7.10
CA CYS C 175 52.99 2.25 7.41
C CYS C 175 53.88 2.46 6.21
N ASP C 176 55.04 3.04 6.49
CA ASP C 176 56.15 2.94 5.58
C ASP C 176 56.50 1.45 5.51
N SER C 177 56.43 0.93 4.29
CA SER C 177 56.87 -0.43 3.97
C SER C 177 58.31 -0.66 4.45
N ASN C 178 59.22 0.25 4.13
CA ASN C 178 60.62 0.11 4.55
C ASN C 178 60.76 -0.20 6.06
N LYS C 179 59.77 0.19 6.86
CA LYS C 179 59.85 0.14 8.32
C LYS C 179 59.11 -1.03 8.99
N LEU C 180 58.31 -1.78 8.22
CA LEU C 180 57.59 -2.96 8.75
C LEU C 180 58.54 -3.93 9.39
N ASP C 181 58.21 -4.31 10.62
CA ASP C 181 59.11 -5.08 11.44
C ASP C 181 58.38 -5.44 12.71
N PRO C 182 57.98 -6.71 12.82
CA PRO C 182 57.33 -7.23 14.01
C PRO C 182 58.08 -6.93 15.30
N GLU C 183 59.42 -6.91 15.25
CA GLU C 183 60.23 -6.66 16.46
C GLU C 183 60.00 -5.25 17.09
N VAL C 184 59.64 -4.28 16.24
CA VAL C 184 59.61 -2.88 16.66
C VAL C 184 58.29 -2.21 16.30
N ALA C 185 57.76 -1.43 17.25
CA ALA C 185 56.51 -0.68 17.08
C ALA C 185 56.59 0.31 15.92
N GLN C 186 55.57 0.22 15.06
CA GLN C 186 55.50 0.99 13.80
C GLN C 186 55.06 2.49 13.97
N PRO C 187 55.98 3.46 13.71
CA PRO C 187 55.58 4.91 13.73
C PRO C 187 54.91 5.31 12.42
N MSE C 188 53.69 5.81 12.49
CA MSE C 188 52.95 6.21 11.30
C MSE C 188 53.79 6.91 10.21
O MSE C 188 54.79 7.57 10.53
CB MSE C 188 51.86 7.17 11.74
CG MSE C 188 50.61 7.14 10.92
SE MSE C 188 49.58 8.74 11.30
CE MSE C 188 50.00 9.10 13.33
N THR C 189 53.34 6.82 8.96
CA THR C 189 54.00 7.52 7.85
C THR C 189 53.95 9.02 8.03
N THR C 190 55.02 9.67 7.58
CA THR C 190 55.06 11.13 7.41
C THR C 190 55.19 11.46 5.94
N ASP C 191 55.92 10.62 5.19
CA ASP C 191 56.07 10.89 3.76
C ASP C 191 54.77 10.68 2.94
N PHE C 192 53.87 9.81 3.43
CA PHE C 192 52.66 9.43 2.69
C PHE C 192 52.93 9.04 1.23
N ALA C 193 54.16 8.65 0.93
CA ALA C 193 54.56 8.17 -0.39
C ALA C 193 53.79 6.95 -0.89
N GLU C 194 53.06 6.27 -0.02
CA GLU C 194 52.39 5.04 -0.42
C GLU C 194 50.92 5.23 -0.77
N PHE C 195 50.47 6.46 -0.59
CA PHE C 195 49.15 6.94 -0.96
C PHE C 195 49.02 7.22 -2.46
N THR C 196 49.33 6.24 -3.28
CA THR C 196 49.22 6.41 -4.72
C THR C 196 47.87 5.86 -5.21
N PRO C 197 47.46 6.25 -6.42
CA PRO C 197 46.27 5.57 -6.93
C PRO C 197 46.50 4.08 -7.15
N ALA C 198 47.71 3.72 -7.59
CA ALA C 198 48.02 2.31 -7.88
C ALA C 198 47.87 1.47 -6.63
N ILE C 199 48.43 1.97 -5.53
CA ILE C 199 48.51 1.18 -4.33
C ILE C 199 47.10 1.13 -3.75
N TYR C 200 46.39 2.22 -3.93
CA TYR C 200 45.04 2.27 -3.48
C TYR C 200 44.13 1.36 -4.28
N LYS C 201 44.35 1.29 -5.60
CA LYS C 201 43.59 0.33 -6.39
C LYS C 201 43.85 -1.07 -5.86
N ARG C 202 45.08 -1.37 -5.44
CA ARG C 202 45.43 -2.71 -5.04
C ARG C 202 44.72 -3.04 -3.70
N ILE C 203 44.89 -2.18 -2.69
CA ILE C 203 44.12 -2.32 -1.47
C ILE C 203 42.70 -2.69 -1.80
N VAL C 204 42.04 -1.87 -2.58
CA VAL C 204 40.62 -2.03 -2.82
C VAL C 204 40.28 -3.32 -3.59
N LYS C 205 41.12 -3.66 -4.54
CA LYS C 205 40.91 -4.85 -5.35
C LYS C 205 40.80 -6.10 -4.46
N TYR C 206 41.75 -6.22 -3.56
CA TYR C 206 41.85 -7.37 -2.74
C TYR C 206 40.95 -7.31 -1.51
N LYS C 207 40.88 -6.20 -0.80
CA LYS C 207 40.01 -6.20 0.36
C LYS C 207 38.50 -6.32 0.04
N THR C 208 38.04 -5.74 -1.09
CA THR C 208 36.59 -5.59 -1.33
C THR C 208 35.97 -6.26 -2.56
N THR C 209 36.50 -5.91 -3.72
CA THR C 209 35.93 -6.32 -4.94
C THR C 209 35.64 -7.83 -5.01
N PHE C 210 36.61 -8.66 -4.62
CA PHE C 210 36.52 -10.11 -4.81
C PHE C 210 35.30 -10.68 -4.12
N TYR C 211 35.05 -10.26 -2.89
CA TYR C 211 33.95 -10.89 -2.18
C TYR C 211 32.63 -10.15 -2.34
N THR C 212 32.68 -8.90 -2.80
CA THR C 212 31.41 -8.22 -2.90
C THR C 212 30.85 -8.19 -4.31
N TYR C 213 31.71 -8.37 -5.32
CA TYR C 213 31.19 -8.49 -6.68
C TYR C 213 31.46 -9.83 -7.38
N LEU C 214 32.70 -10.27 -7.36
CA LEU C 214 33.03 -11.47 -8.08
C LEU C 214 32.27 -12.67 -7.51
N LEU C 215 32.42 -12.88 -6.20
CA LEU C 215 31.79 -14.04 -5.56
C LEU C 215 30.29 -14.10 -5.84
N PRO C 216 29.53 -13.03 -5.56
CA PRO C 216 28.10 -13.14 -5.81
C PRO C 216 27.74 -13.48 -7.28
N LEU C 217 28.36 -12.75 -8.20
CA LEU C 217 28.11 -12.93 -9.61
C LEU C 217 28.38 -14.37 -10.02
N VAL C 218 29.53 -14.89 -9.63
CA VAL C 218 29.88 -16.25 -10.01
C VAL C 218 28.99 -17.30 -9.37
N MSE C 219 28.61 -17.03 -8.11
CA MSE C 219 27.71 -17.87 -7.32
C MSE C 219 26.41 -17.96 -8.07
O MSE C 219 25.84 -19.04 -8.19
CB MSE C 219 27.46 -17.27 -5.93
CG MSE C 219 26.56 -18.17 -5.04
SE MSE C 219 27.55 -19.70 -4.39
CE MSE C 219 28.59 -18.64 -3.06
N GLY C 220 25.94 -16.82 -8.53
CA GLY C 220 24.82 -16.78 -9.45
C GLY C 220 24.99 -17.74 -10.63
N LEU C 221 26.20 -17.83 -11.19
CA LEU C 221 26.45 -18.68 -12.34
C LEU C 221 26.49 -20.12 -11.89
N PHE C 222 27.15 -20.36 -10.77
CA PHE C 222 27.33 -21.69 -10.30
C PHE C 222 26.03 -22.42 -10.14
N VAL C 223 25.08 -21.75 -9.50
CA VAL C 223 23.88 -22.42 -8.97
C VAL C 223 22.94 -22.61 -10.13
N SER C 224 23.21 -21.82 -11.16
CA SER C 224 22.47 -21.81 -12.40
C SER C 224 23.06 -22.77 -13.41
N GLU C 225 24.19 -23.38 -13.06
CA GLU C 225 24.92 -24.25 -14.01
C GLU C 225 25.31 -23.50 -15.27
N ALA C 226 25.69 -22.25 -15.13
CA ALA C 226 25.81 -21.42 -16.31
C ALA C 226 27.21 -20.86 -16.52
N ALA C 227 28.22 -21.30 -15.77
CA ALA C 227 29.55 -20.67 -15.88
C ALA C 227 30.04 -20.67 -17.33
N ALA C 228 29.77 -21.76 -18.05
CA ALA C 228 30.25 -21.90 -19.44
C ALA C 228 29.63 -20.84 -20.36
N SER C 229 28.38 -20.49 -20.13
CA SER C 229 27.74 -19.48 -20.96
C SER C 229 28.27 -18.03 -20.76
N VAL C 230 29.44 -17.85 -20.14
CA VAL C 230 29.97 -16.49 -19.98
C VAL C 230 31.46 -16.48 -20.17
N GLU C 231 31.99 -15.31 -20.50
CA GLU C 231 33.41 -15.12 -20.62
C GLU C 231 33.98 -14.66 -19.26
N MSE C 232 34.45 -15.60 -18.44
CA MSE C 232 34.98 -15.28 -17.08
C MSE C 232 35.77 -13.99 -16.99
O MSE C 232 35.55 -13.18 -16.08
CB MSE C 232 35.85 -16.42 -16.50
CG MSE C 232 35.13 -17.29 -15.47
SE MSE C 232 33.90 -16.30 -14.18
CE MSE C 232 32.64 -17.75 -14.09
N ASN C 233 36.69 -13.78 -17.94
CA ASN C 233 37.57 -12.63 -17.85
C ASN C 233 36.74 -11.40 -17.88
N LEU C 234 35.62 -11.42 -18.58
CA LEU C 234 34.76 -10.24 -18.60
C LEU C 234 34.14 -10.08 -17.21
N VAL C 235 33.61 -11.19 -16.68
CA VAL C 235 33.00 -11.16 -15.37
C VAL C 235 34.00 -10.62 -14.37
N GLU C 236 35.21 -11.16 -14.43
CA GLU C 236 36.31 -10.71 -13.60
C GLU C 236 36.55 -9.21 -13.69
N ARG C 237 36.71 -8.71 -14.91
CA ARG C 237 36.96 -7.30 -15.13
C ARG C 237 35.81 -6.40 -14.66
N VAL C 238 34.59 -6.77 -15.02
CA VAL C 238 33.47 -5.92 -14.66
C VAL C 238 33.32 -5.82 -13.14
N ALA C 239 33.41 -6.95 -12.47
CA ALA C 239 33.17 -6.97 -11.03
C ALA C 239 34.26 -6.19 -10.26
N HIS C 240 35.55 -6.37 -10.64
CA HIS C 240 36.70 -5.72 -9.99
C HIS C 240 36.64 -4.27 -10.22
N LEU C 241 35.56 -4.26 -11.31
CA LEU C 241 35.77 -2.73 -11.57
C LEU C 241 34.68 -2.02 -10.79
N ILE C 242 33.48 -2.60 -10.86
CA ILE C 242 32.34 -2.12 -10.10
C ILE C 242 32.67 -2.05 -8.60
N GLY C 243 33.35 -3.08 -8.12
CA GLY C 243 33.88 -3.10 -6.78
C GLY C 243 34.69 -1.88 -6.45
N GLU C 244 35.58 -1.47 -7.34
CA GLU C 244 36.38 -0.34 -7.03
C GLU C 244 35.47 0.80 -6.71
N TYR C 245 34.51 1.09 -7.58
CA TYR C 245 33.64 2.23 -7.37
C TYR C 245 32.86 2.11 -6.07
N PHE C 246 32.36 0.90 -5.81
CA PHE C 246 31.68 0.62 -4.55
C PHE C 246 32.56 1.11 -3.40
N GLN C 247 33.83 0.71 -3.39
CA GLN C 247 34.72 1.06 -2.28
C GLN C 247 34.97 2.54 -2.24
N VAL C 248 35.15 3.16 -3.41
CA VAL C 248 35.34 4.61 -3.48
C VAL C 248 34.17 5.29 -2.80
N GLN C 249 32.97 4.82 -3.10
CA GLN C 249 31.79 5.37 -2.44
C GLN C 249 31.97 5.30 -0.95
N ASP C 250 32.09 4.07 -0.43
CA ASP C 250 32.37 3.85 0.98
C ASP C 250 33.42 4.82 1.58
N ASP C 251 34.47 5.16 0.83
CA ASP C 251 35.47 6.09 1.35
C ASP C 251 34.84 7.43 1.45
N VAL C 252 34.33 7.97 0.33
CA VAL C 252 33.56 9.23 0.32
C VAL C 252 32.56 9.26 1.49
N MSE C 253 31.83 8.17 1.65
CA MSE C 253 30.78 8.17 2.65
C MSE C 253 31.28 8.22 4.10
O MSE C 253 30.73 8.97 4.89
CB MSE C 253 29.81 7.02 2.41
CG MSE C 253 28.93 7.26 1.18
SE MSE C 253 27.58 5.85 0.91
CE MSE C 253 28.61 4.25 1.17
N ASP C 254 32.33 7.45 4.42
CA ASP C 254 32.99 7.46 5.73
C ASP C 254 33.30 8.87 6.15
N CYS C 255 33.62 9.73 5.20
CA CYS C 255 33.82 11.12 5.51
C CYS C 255 32.50 11.91 5.51
N PHE C 256 31.71 11.81 4.44
CA PHE C 256 30.65 12.82 4.27
C PHE C 256 29.22 12.47 4.64
N THR C 257 28.83 11.23 4.40
CA THR C 257 27.47 10.77 4.74
C THR C 257 27.23 10.64 6.27
N PRO C 258 26.27 11.42 6.83
CA PRO C 258 26.03 11.45 8.29
C PRO C 258 25.54 10.11 8.86
N PRO C 259 26.14 9.65 9.99
CA PRO C 259 25.88 8.31 10.58
C PRO C 259 24.40 7.86 10.68
N GLU C 260 23.47 8.80 10.89
CA GLU C 260 22.04 8.49 10.96
C GLU C 260 21.61 7.88 9.65
N GLN C 261 22.06 8.49 8.55
CA GLN C 261 21.89 7.93 7.20
C GLN C 261 22.78 6.68 6.95
N LEU C 262 24.06 6.78 7.31
CA LEU C 262 25.11 5.79 6.97
C LEU C 262 25.06 4.46 7.71
N GLY C 263 24.48 4.43 8.90
CA GLY C 263 24.46 3.19 9.69
C GLY C 263 25.72 2.96 10.50
N LYS C 264 26.71 3.80 10.27
CA LYS C 264 28.00 3.71 10.93
C LYS C 264 28.69 5.07 11.00
N VAL C 265 29.60 5.20 11.95
CA VAL C 265 30.42 6.38 12.17
C VAL C 265 31.81 6.19 11.52
N GLY C 266 32.20 7.19 10.73
CA GLY C 266 33.47 7.25 10.00
C GLY C 266 34.71 7.12 10.88
N THR C 267 35.70 6.37 10.41
CA THR C 267 36.96 6.25 11.12
C THR C 267 38.17 6.40 10.17
N ASP C 268 37.95 6.80 8.91
CA ASP C 268 39.06 6.77 7.95
C ASP C 268 40.19 7.79 8.24
N ILE C 269 39.81 9.02 8.59
CA ILE C 269 40.79 10.05 8.97
C ILE C 269 41.57 9.62 10.23
N GLU C 270 40.82 9.34 11.29
CA GLU C 270 41.36 8.89 12.59
C GLU C 270 42.34 7.74 12.45
N ASP C 271 42.02 6.78 11.58
CA ASP C 271 42.81 5.58 11.45
C ASP C 271 43.95 5.76 10.46
N ALA C 272 44.08 6.97 9.91
CA ALA C 272 45.09 7.26 8.89
C ALA C 272 44.98 6.34 7.65
N LYS C 273 43.76 6.02 7.25
CA LYS C 273 43.62 5.06 6.16
C LYS C 273 43.97 5.67 4.80
N CYS C 274 44.29 4.77 3.88
CA CYS C 274 44.56 5.13 2.51
C CYS C 274 43.24 5.19 1.81
N SER C 275 42.43 6.16 2.19
CA SER C 275 41.12 6.35 1.58
C SER C 275 41.20 6.99 0.20
N TRP C 276 40.20 6.73 -0.66
CA TRP C 276 40.12 7.40 -1.93
C TRP C 276 40.24 8.92 -1.71
N LEU C 277 39.65 9.42 -0.63
CA LEU C 277 39.68 10.86 -0.39
C LEU C 277 41.11 11.38 -0.21
N ALA C 278 41.83 10.77 0.73
CA ALA C 278 43.21 11.16 0.99
C ALA C 278 44.06 11.12 -0.27
N VAL C 279 43.90 10.08 -1.10
CA VAL C 279 44.76 9.92 -2.29
C VAL C 279 44.45 10.99 -3.35
N THR C 280 43.17 11.19 -3.67
CA THR C 280 42.81 12.20 -4.65
C THR C 280 43.26 13.58 -4.17
N PHE C 281 43.12 13.83 -2.87
CA PHE C 281 43.60 15.07 -2.26
C PHE C 281 45.07 15.29 -2.58
N LEU C 282 45.94 14.43 -2.04
CA LEU C 282 47.38 14.53 -2.33
C LEU C 282 47.68 14.54 -3.83
N GLY C 283 46.68 14.21 -4.65
CA GLY C 283 46.87 14.25 -6.10
C GLY C 283 46.82 15.64 -6.71
N LYS C 284 46.23 16.60 -6.01
CA LYS C 284 45.95 17.90 -6.64
C LYS C 284 46.28 19.11 -5.75
N ALA C 285 46.76 18.86 -4.54
CA ALA C 285 47.02 19.91 -3.56
C ALA C 285 48.42 20.55 -3.65
N ASN C 286 48.50 21.80 -3.23
CA ASN C 286 49.77 22.54 -3.14
C ASN C 286 50.57 22.17 -1.87
N ALA C 287 51.80 22.67 -1.79
CA ALA C 287 52.65 22.38 -0.62
C ALA C 287 52.00 22.76 0.73
N ALA C 288 51.26 23.87 0.77
CA ALA C 288 50.66 24.34 2.02
C ALA C 288 49.53 23.42 2.40
N GLN C 289 48.85 22.89 1.41
CA GLN C 289 47.75 21.99 1.65
C GLN C 289 48.31 20.64 2.07
N VAL C 290 49.28 20.14 1.31
CA VAL C 290 49.93 18.89 1.69
C VAL C 290 50.35 18.93 3.15
N ALA C 291 51.09 19.98 3.53
CA ALA C 291 51.75 20.05 4.84
C ALA C 291 50.78 20.03 6.02
N GLU C 292 49.68 20.78 5.87
CA GLU C 292 48.64 20.90 6.90
C GLU C 292 47.92 19.58 7.09
N PHE C 293 47.50 18.97 5.98
CA PHE C 293 47.01 17.61 5.98
C PHE C 293 48.00 16.75 6.76
N LYS C 294 49.30 16.85 6.45
CA LYS C 294 50.33 16.08 7.21
C LYS C 294 50.24 16.25 8.73
N ALA C 295 50.02 17.50 9.18
CA ALA C 295 49.92 17.86 10.59
C ALA C 295 48.70 17.24 11.26
N ASN C 296 47.68 16.94 10.46
CA ASN C 296 46.41 16.57 11.05
C ASN C 296 45.90 15.16 10.82
N TYR C 297 46.41 14.49 9.82
CA TYR C 297 45.88 13.19 9.45
C TYR C 297 46.23 12.14 10.48
N GLY C 298 45.28 11.24 10.78
CA GLY C 298 45.55 10.04 11.61
C GLY C 298 45.54 10.27 13.11
N ASP C 299 44.52 10.97 13.59
CA ASP C 299 44.41 11.35 15.00
C ASP C 299 42.95 11.39 15.46
N LYS C 300 42.64 10.58 16.48
CA LYS C 300 41.29 10.53 17.11
C LYS C 300 40.80 11.93 17.54
N ASP C 301 41.73 12.89 17.67
CA ASP C 301 41.39 14.24 18.03
C ASP C 301 40.40 14.90 17.06
N PRO C 302 39.19 15.27 17.56
CA PRO C 302 38.12 15.77 16.67
C PRO C 302 38.42 17.09 15.94
N ALA C 303 39.31 17.91 16.49
CA ALA C 303 39.68 19.19 15.89
C ALA C 303 40.64 19.01 14.72
N LYS C 304 41.43 17.94 14.81
CA LYS C 304 42.31 17.58 13.70
C LYS C 304 41.51 17.02 12.53
N VAL C 305 40.56 16.11 12.85
CA VAL C 305 39.65 15.52 11.89
C VAL C 305 38.81 16.63 11.24
N ALA C 306 38.42 17.63 12.02
CA ALA C 306 37.66 18.77 11.47
C ALA C 306 38.52 19.51 10.42
N VAL C 307 39.82 19.65 10.69
CA VAL C 307 40.75 20.23 9.71
C VAL C 307 40.90 19.39 8.44
N VAL C 308 40.92 18.07 8.58
CA VAL C 308 41.08 17.22 7.39
C VAL C 308 39.82 17.26 6.50
N LYS C 309 38.63 17.28 7.11
CA LYS C 309 37.41 17.54 6.32
C LYS C 309 37.42 18.95 5.73
N ARG C 310 37.89 19.90 6.52
CA ARG C 310 37.96 21.26 6.05
C ARG C 310 38.73 21.26 4.72
N LEU C 311 39.94 20.71 4.72
CA LEU C 311 40.80 20.68 3.52
C LEU C 311 40.15 19.97 2.33
N TYR C 312 39.45 18.86 2.61
CA TYR C 312 38.76 18.07 1.58
C TYR C 312 37.65 18.88 0.88
N SER C 313 36.70 19.44 1.62
CA SER C 313 35.75 20.43 1.06
C SER C 313 36.47 21.47 0.19
N GLU C 314 37.46 22.10 0.82
CA GLU C 314 38.18 23.21 0.25
C GLU C 314 38.81 22.79 -1.06
N ALA C 315 38.93 21.47 -1.26
CA ALA C 315 39.71 20.91 -2.39
C ALA C 315 38.88 20.42 -3.61
N ASN C 316 37.56 20.67 -3.59
CA ASN C 316 36.74 20.56 -4.79
C ASN C 316 36.83 19.10 -5.29
N LEU C 317 36.77 18.18 -4.33
CA LEU C 317 36.93 16.77 -4.62
C LEU C 317 35.67 16.12 -5.19
N GLN C 318 34.54 16.82 -5.13
CA GLN C 318 33.31 16.35 -5.75
C GLN C 318 33.39 16.46 -7.29
N ALA C 319 34.31 17.27 -7.80
CA ALA C 319 34.56 17.32 -9.26
C ALA C 319 35.31 16.05 -9.69
N ASP C 320 36.43 15.82 -9.04
CA ASP C 320 37.19 14.59 -9.19
C ASP C 320 36.36 13.32 -9.15
N PHE C 321 35.38 13.27 -8.25
CA PHE C 321 34.58 12.08 -8.07
C PHE C 321 33.63 11.89 -9.23
N ALA C 322 32.84 12.92 -9.49
CA ALA C 322 31.94 12.98 -10.63
C ALA C 322 32.64 12.50 -11.93
N ALA C 323 33.85 13.02 -12.18
CA ALA C 323 34.71 12.63 -13.31
C ALA C 323 35.16 11.16 -13.28
N TYR C 324 35.53 10.68 -12.08
CA TYR C 324 35.81 9.26 -11.89
C TYR C 324 34.55 8.49 -12.21
N GLU C 325 33.43 8.95 -11.65
CA GLU C 325 32.16 8.29 -11.90
C GLU C 325 31.85 8.15 -13.39
N ALA C 326 31.95 9.23 -14.13
CA ALA C 326 31.54 9.22 -15.52
C ALA C 326 32.45 8.31 -16.31
N GLU C 327 33.72 8.26 -15.93
CA GLU C 327 34.67 7.34 -16.55
C GLU C 327 34.27 5.89 -16.25
N VAL C 328 33.85 5.61 -15.03
CA VAL C 328 33.47 4.24 -14.66
C VAL C 328 32.18 3.81 -15.40
N VAL C 329 31.23 4.74 -15.53
CA VAL C 329 30.00 4.48 -16.27
C VAL C 329 30.34 4.00 -17.69
N ARG C 330 31.22 4.76 -18.36
CA ARG C 330 31.80 4.39 -19.66
C ARG C 330 32.22 2.93 -19.67
N GLU C 331 33.13 2.57 -18.76
CA GLU C 331 33.84 1.32 -18.87
C GLU C 331 32.92 0.17 -18.57
N VAL C 332 31.99 0.44 -17.67
CA VAL C 332 31.00 -0.51 -17.24
C VAL C 332 30.04 -0.78 -18.37
N GLU C 333 29.55 0.29 -18.98
CA GLU C 333 28.58 0.14 -20.07
C GLU C 333 29.25 -0.62 -21.22
N SER C 334 30.55 -0.37 -21.41
CA SER C 334 31.36 -1.06 -22.41
C SER C 334 31.47 -2.53 -22.06
N LEU C 335 31.76 -2.82 -20.80
CA LEU C 335 31.80 -4.21 -20.37
C LEU C 335 30.47 -4.96 -20.51
N ILE C 336 29.37 -4.31 -20.16
CA ILE C 336 28.05 -4.92 -20.29
C ILE C 336 27.82 -5.35 -21.73
N GLU C 337 28.04 -4.40 -22.63
CA GLU C 337 28.06 -4.63 -24.05
C GLU C 337 28.83 -5.88 -24.44
N GLN C 338 30.04 -6.03 -23.91
CA GLN C 338 30.85 -7.19 -24.25
C GLN C 338 30.21 -8.45 -23.73
N LEU C 339 29.69 -8.41 -22.50
CA LEU C 339 28.98 -9.56 -21.94
C LEU C 339 27.72 -9.94 -22.73
N LYS C 340 27.03 -8.97 -23.29
CA LYS C 340 25.89 -9.22 -24.17
C LYS C 340 26.22 -10.25 -25.26
N VAL C 341 27.46 -10.25 -25.75
CA VAL C 341 27.86 -11.17 -26.80
C VAL C 341 27.49 -12.62 -26.42
N LYS C 342 28.14 -13.18 -25.39
CA LYS C 342 27.92 -14.59 -25.08
C LYS C 342 26.63 -14.76 -24.31
N SER C 343 26.17 -13.68 -23.66
CA SER C 343 25.21 -13.80 -22.55
C SER C 343 24.38 -12.55 -22.23
N PRO C 344 23.26 -12.38 -22.92
CA PRO C 344 22.44 -11.18 -22.74
C PRO C 344 21.81 -11.02 -21.36
N THR C 345 21.42 -12.12 -20.74
CA THR C 345 20.67 -12.06 -19.48
C THR C 345 21.58 -11.73 -18.31
N PHE C 346 22.71 -12.41 -18.25
CA PHE C 346 23.73 -12.05 -17.30
C PHE C 346 24.05 -10.55 -17.43
N ALA C 347 24.21 -10.08 -18.66
CA ALA C 347 24.39 -8.65 -18.93
C ALA C 347 23.29 -7.79 -18.29
N GLU C 348 22.05 -8.27 -18.32
CA GLU C 348 20.96 -7.58 -17.66
C GLU C 348 21.16 -7.53 -16.13
N SER C 349 21.69 -8.63 -15.58
CA SER C 349 21.92 -8.74 -14.16
C SER C 349 23.03 -7.80 -13.78
N VAL C 350 24.16 -7.93 -14.46
CA VAL C 350 25.23 -7.00 -14.24
C VAL C 350 24.69 -5.61 -14.41
N ALA C 351 23.83 -5.40 -15.39
CA ALA C 351 23.22 -4.09 -15.52
C ALA C 351 22.48 -3.66 -14.24
N VAL C 352 21.68 -4.56 -13.67
CA VAL C 352 20.99 -4.27 -12.41
C VAL C 352 22.02 -3.93 -11.31
N VAL C 353 22.92 -4.87 -11.00
CA VAL C 353 23.94 -4.67 -9.98
C VAL C 353 24.49 -3.25 -10.08
N TRP C 354 24.86 -2.88 -11.30
CA TRP C 354 25.46 -1.56 -11.52
C TRP C 354 24.49 -0.43 -11.19
N GLU C 355 23.22 -0.57 -11.61
CA GLU C 355 22.23 0.44 -11.28
C GLU C 355 22.02 0.56 -9.75
N LYS C 356 21.79 -0.57 -9.06
CA LYS C 356 21.68 -0.56 -7.60
C LYS C 356 22.94 0.08 -6.98
N THR C 357 24.11 -0.29 -7.48
CA THR C 357 25.34 0.22 -6.90
C THR C 357 25.52 1.69 -7.14
N HIS C 358 25.28 2.12 -8.37
CA HIS C 358 25.62 3.47 -8.84
C HIS C 358 24.93 4.62 -8.08
N LYS C 359 23.77 4.35 -7.50
CA LYS C 359 22.98 5.41 -6.90
C LYS C 359 22.54 5.11 -5.46
N ARG C 360 23.21 4.15 -4.83
CA ARG C 360 23.05 3.91 -3.41
C ARG C 360 23.55 5.12 -2.60
N LYS C 361 22.98 5.34 -1.43
CA LYS C 361 23.50 6.34 -0.49
C LYS C 361 23.58 5.69 0.89
N LYS C 362 23.03 4.48 0.94
CA LYS C 362 23.41 3.40 1.87
C LYS C 362 23.21 3.70 3.37
MG MG D . -9.13 -4.69 17.77
MG MG E . -10.54 -0.77 14.55
MG MG F . -13.52 -0.98 14.81
S SO4 G . -8.09 -3.55 -19.14
O1 SO4 G . -8.76 -3.78 -20.41
O2 SO4 G . -6.75 -3.02 -19.35
O3 SO4 G . -8.04 -4.86 -18.49
O4 SO4 G . -8.87 -2.62 -18.32
C2 AHD H . -11.57 -3.88 11.89
C3 AHD H . -12.52 -5.10 11.75
C7 AHD H . -10.34 -3.96 12.86
C8 AHD H . -10.31 -4.37 14.27
O12 AHD H . -8.72 -2.18 15.03
P9 AHD H . -8.73 -3.67 14.91
O10 AHD H . -8.37 -4.36 16.25
O11 AHD H . -7.60 -4.00 13.88
P14 AHD H . -11.67 -3.81 15.38
O15 AHD H . -12.94 -4.06 14.44
O16 AHD H . -11.44 -4.28 16.78
O17 AHD H . -11.42 -2.39 15.13
O13 AHD H . -10.20 -5.63 14.38
N4 AHD H . -13.37 -4.98 10.56
C1 IPE I . -7.41 -7.03 11.93
O1 IPE I . -7.08 -7.97 10.93
C2 IPE I . -8.87 -6.85 11.57
C3 IPE I . -9.75 -8.03 11.98
C4 IPE I . -9.54 -8.74 13.11
C5 IPE I . -10.91 -8.35 11.07
PA IPE I . -5.70 -8.74 10.96
O1A IPE I . -5.92 -10.08 10.29
O2A IPE I . -5.17 -8.58 12.40
O3A IPE I . -4.76 -7.82 10.00
PB IPE I . -3.54 -8.29 9.04
O1B IPE I . -3.37 -9.83 9.06
O2B IPE I . -3.93 -7.61 7.77
O3B IPE I . -2.36 -7.57 9.63
S SO4 J . -31.49 -10.84 -3.92
O1 SO4 J . -31.24 -10.01 -5.08
O2 SO4 J . -30.75 -10.31 -2.79
O3 SO4 J . -31.01 -12.20 -4.19
O4 SO4 J . -32.93 -10.90 -3.65
MG MG K . -17.95 22.90 -5.72
MG MG L . -17.02 19.60 -2.02
MG MG M . -14.60 18.74 -3.26
C2 AHD N . -17.77 17.29 -5.67
C3 AHD N . -17.65 17.03 -7.22
C7 AHD N . -18.64 18.48 -5.20
C8 AHD N . -18.46 19.85 -5.57
O12 AHD N . -19.00 20.79 -2.99
P9 AHD N . -19.34 20.83 -4.46
O10 AHD N . -20.83 20.25 -4.34
O11 AHD N . -19.39 22.26 -4.86
P14 AHD N . -16.71 20.37 -5.52
O15 AHD N . -16.45 19.99 -4.10
O16 AHD N . -15.80 19.35 -6.13
O17 AHD N . -16.53 21.77 -5.86
O13 AHD N . -18.84 20.05 -6.74
N4 AHD N . -17.25 15.62 -7.40
C1 IPE O . -22.68 18.90 -7.29
O1 IPE O . -23.63 18.11 -7.96
C2 IPE O . -21.40 18.14 -7.61
C3 IPE O . -20.81 18.58 -8.93
C4 IPE O . -20.69 19.85 -9.27
C5 IPE O . -20.29 17.52 -9.83
PA IPE O . -25.07 18.72 -8.24
O1A IPE O . -25.02 20.22 -8.08
O2A IPE O . -25.69 18.17 -9.52
O3A IPE O . -25.82 18.07 -6.91
PB IPE O . -27.42 17.75 -6.74
O1B IPE O . -27.40 16.30 -6.36
O2B IPE O . -28.16 17.98 -8.06
O3B IPE O . -27.76 18.63 -5.56
S SO4 P . 25.13 -32.84 7.54
O1 SO4 P . 24.81 -32.79 6.10
O2 SO4 P . 26.08 -31.76 7.85
O3 SO4 P . 25.77 -34.12 7.91
O4 SO4 P . 23.85 -32.69 8.26
MG MG Q . 34.83 2.17 4.82
MG MG R . 36.02 -1.10 8.80
MG MG S . 38.40 -1.83 7.45
C2 AHD T . 35.17 -3.46 4.91
C3 AHD T . 35.75 -4.02 4.11
C7 AHD T . 34.45 -2.39 5.59
C8 AHD T . 34.59 -0.94 5.23
O12 AHD T . 34.12 0.01 7.72
P9 AHD T . 33.59 0.01 6.33
O10 AHD T . 32.16 -0.73 6.45
O11 AHD T . 33.34 1.37 5.79
P14 AHD T . 36.16 -0.30 5.12
O15 AHD T . 36.58 -0.50 6.55
O16 AHD T . 37.13 -1.43 4.40
O17 AHD T . 36.23 1.18 4.69
O13 AHD T . 34.07 -0.75 3.96
N4 AHD T . 36.28 -5.36 4.37
C1 IPE U . 30.57 -2.60 3.84
O1 IPE U . 29.54 -3.42 3.32
C2 IPE U . 31.85 -3.14 3.23
C3 IPE U . 32.28 -2.24 2.09
C4 IPE U . 31.73 -1.06 1.90
C5 IPE U . 33.35 -2.72 1.16
PA IPE U . 28.04 -2.89 3.00
O1A IPE U . 28.10 -1.38 3.19
O2A IPE U . 27.61 -3.46 1.66
O3A IPE U . 27.15 -3.57 4.19
PB IPE U . 25.56 -3.91 4.27
O1B IPE U . 25.77 -5.12 5.13
O2B IPE U . 24.91 -4.11 2.90
O3B IPE U . 24.94 -2.71 5.01
#